data_4V3D
#
_entry.id   4V3D
#
_cell.length_a   66.130
_cell.length_b   94.670
_cell.length_c   290.700
_cell.angle_alpha   90.00
_cell.angle_beta   90.00
_cell.angle_gamma   90.00
#
_symmetry.space_group_name_H-M   'C 2 2 21'
#
loop_
_entity.id
_entity.type
_entity.pdbx_description
1 polymer 'HB3VAR03 CIDRA DOMAIN'
2 polymer 'ENDOTHELIAL PROTEIN C RECEPTOR'
3 branched 2-acetamido-2-deoxy-beta-D-glucopyranose-(1-4)-2-acetamido-2-deoxy-beta-D-glucopyranose
4 branched alpha-D-mannopyranose-(1-4)-2-acetamido-2-deoxy-beta-D-glucopyranose-(1-4)-2-acetamido-2-deoxy-beta-D-glucopyranose
5 non-polymer PHOSPHATIDYLETHANOLAMINE
6 non-polymer 2-acetamido-2-deoxy-beta-D-glucopyranose
#
loop_
_entity_poly.entity_id
_entity_poly.type
_entity_poly.pdbx_seq_one_letter_code
_entity_poly.pdbx_strand_id
1 'polypeptide(L)'
;PDCGVECKNETCTPKTVIYPDCGKNEKYEPPGDAKNTEINVINSGDKEGYIFEKLSEFCTNENNENGKNYEQWKCYYDNK
KNNNKCKMEINIANSKLKNKVTSFDEFFDFWVRKLLIDTIKWETELTYCINNTDVTDCNKCNKNCVCFDKWVKQKEDEWT
NIMKLFTNKHDIPKKYYLNINDLFDSFFFQVIYKFNEGEAKWNELKENLKKQIASSKANNGTKDSEAAIKVLFNHIKEIA
TICKDNNTNEG
;
A,C
2 'polypeptide(L)'
;LQRLHMLQISYFRDPYHVWYQGNASLGGHLTHVLEGPDTNTTIIQLQPLQEPESWARTQSGLQSYLLQFHGLVRLVHQER
TLAFPLTIRCFLGCELPPEGSRAHVFFEVAVNGSSFVSFRPERALWQADTQVTSGVVTFTLQQLNAYNRTRYELREFLED
TCVQYVQKHI
;
B,D
#
loop_
_chem_comp.id
_chem_comp.type
_chem_comp.name
_chem_comp.formula
MAN D-saccharide, alpha linking alpha-D-mannopyranose 'C6 H12 O6'
NAG D-saccharide, beta linking 2-acetamido-2-deoxy-beta-D-glucopyranose 'C8 H15 N O6'
PTY non-polymer PHOSPHATIDYLETHANOLAMINE 'C40 H80 N O8 P'
#
# COMPACT_ATOMS: atom_id res chain seq x y z
N GLY A 32 20.93 2.22 -7.80
CA GLY A 32 21.95 1.43 -7.11
C GLY A 32 21.84 -0.06 -7.40
N ASP A 33 22.97 -0.67 -7.85
CA ASP A 33 23.07 -2.10 -8.18
C ASP A 33 23.02 -2.99 -6.92
N ALA A 34 22.81 -4.32 -7.10
CA ALA A 34 22.72 -5.31 -6.02
C ALA A 34 24.07 -5.54 -5.30
N LYS A 35 24.07 -5.59 -3.94
CA LYS A 35 25.35 -5.79 -3.23
C LYS A 35 25.45 -6.90 -2.18
N ASN A 36 26.68 -7.05 -1.62
CA ASN A 36 27.07 -8.06 -0.64
C ASN A 36 27.81 -7.51 0.60
N THR A 37 27.88 -8.33 1.69
CA THR A 37 28.60 -8.01 2.95
C THR A 37 29.07 -9.20 3.74
N GLU A 38 30.00 -8.92 4.67
CA GLU A 38 30.63 -9.85 5.59
C GLU A 38 30.16 -9.43 6.99
N ILE A 39 29.52 -10.37 7.71
CA ILE A 39 28.98 -10.13 9.06
C ILE A 39 29.59 -11.17 9.99
N ASN A 40 30.46 -10.73 10.91
CA ASN A 40 31.03 -11.62 11.92
C ASN A 40 30.07 -11.57 13.09
N VAL A 41 29.32 -12.65 13.27
CA VAL A 41 28.28 -12.82 14.28
C VAL A 41 28.82 -13.49 15.54
N ILE A 42 28.51 -12.88 16.71
CA ILE A 42 28.80 -13.42 18.04
C ILE A 42 27.52 -14.05 18.51
N ASN A 43 27.44 -15.36 18.27
CA ASN A 43 26.29 -16.17 18.59
C ASN A 43 26.42 -16.86 19.93
N SER A 44 25.52 -16.54 20.89
CA SER A 44 25.48 -17.19 22.20
C SER A 44 24.90 -18.61 21.94
N GLY A 45 24.85 -19.48 22.94
CA GLY A 45 24.34 -20.82 22.70
C GLY A 45 22.85 -20.89 22.46
N ASP A 46 22.31 -22.10 22.55
CA ASP A 46 20.88 -22.40 22.44
C ASP A 46 20.49 -23.22 23.69
N LYS A 47 21.45 -23.35 24.64
CA LYS A 47 21.32 -24.11 25.87
C LYS A 47 21.37 -23.27 27.17
N GLU A 48 20.99 -23.88 28.32
CA GLU A 48 20.97 -23.23 29.63
C GLU A 48 22.36 -22.98 30.23
N GLY A 49 22.54 -21.75 30.67
CA GLY A 49 23.74 -21.28 31.33
C GLY A 49 23.72 -19.77 31.49
N TYR A 50 24.64 -19.24 32.31
CA TYR A 50 24.81 -17.80 32.47
C TYR A 50 25.28 -17.26 31.11
N ILE A 51 24.70 -16.11 30.63
CA ILE A 51 25.09 -15.46 29.38
C ILE A 51 26.60 -15.15 29.32
N PHE A 52 27.19 -14.68 30.46
CA PHE A 52 28.62 -14.42 30.54
C PHE A 52 29.40 -15.69 30.23
N GLU A 53 29.08 -16.81 30.91
CA GLU A 53 29.70 -18.13 30.71
C GLU A 53 29.52 -18.64 29.29
N LYS A 54 28.32 -18.48 28.71
CA LYS A 54 28.02 -18.85 27.33
C LYS A 54 28.92 -18.10 26.34
N LEU A 55 29.14 -16.80 26.59
CA LEU A 55 29.96 -15.87 25.79
C LEU A 55 31.38 -15.65 26.37
N SER A 56 31.83 -16.53 27.28
CA SER A 56 33.14 -16.45 27.95
C SER A 56 34.36 -16.06 27.08
N GLU A 57 34.53 -16.73 25.94
CA GLU A 57 35.63 -16.49 25.02
C GLU A 57 35.54 -15.15 24.32
N PHE A 58 34.34 -14.60 24.19
CA PHE A 58 34.10 -13.27 23.61
C PHE A 58 34.46 -12.20 24.66
N CYS A 59 34.03 -12.40 25.92
CA CYS A 59 34.30 -11.49 27.03
C CYS A 59 35.77 -11.31 27.30
N THR A 60 36.57 -12.41 27.13
CA THR A 60 38.01 -12.42 27.39
C THR A 60 38.88 -12.32 26.11
N ASN A 61 38.27 -11.94 24.96
CA ASN A 61 38.93 -11.86 23.65
C ASN A 61 39.88 -10.68 23.32
N GLU A 62 40.22 -9.89 24.33
CA GLU A 62 41.19 -8.81 24.17
C GLU A 62 42.58 -9.45 23.89
N ASN A 63 43.24 -9.04 22.76
CA ASN A 63 44.53 -9.55 22.25
C ASN A 63 44.45 -11.07 22.02
N ASN A 64 43.24 -11.55 21.66
CA ASN A 64 42.97 -12.96 21.48
C ASN A 64 42.16 -13.30 20.21
N GLU A 65 42.52 -14.45 19.57
CA GLU A 65 41.91 -15.04 18.37
C GLU A 65 40.43 -15.40 18.57
N ASN A 66 39.64 -15.34 17.47
CA ASN A 66 38.21 -15.64 17.39
C ASN A 66 37.89 -16.96 18.10
N GLY A 67 36.97 -16.92 19.06
CA GLY A 67 36.62 -18.06 19.90
C GLY A 67 35.30 -18.71 19.57
N LYS A 68 34.92 -19.70 20.43
CA LYS A 68 33.71 -20.54 20.39
C LYS A 68 32.41 -19.90 19.83
N ASN A 69 32.23 -18.58 20.09
CA ASN A 69 31.08 -17.73 19.74
C ASN A 69 31.15 -17.14 18.33
N TYR A 70 32.39 -16.87 17.83
CA TYR A 70 32.66 -16.22 16.54
C TYR A 70 32.22 -17.01 15.34
N GLU A 71 31.43 -16.36 14.46
CA GLU A 71 30.92 -16.92 13.20
C GLU A 71 30.88 -15.93 12.01
N GLN A 72 31.65 -16.24 10.95
CA GLN A 72 31.79 -15.37 9.78
C GLN A 72 30.80 -15.69 8.66
N TRP A 73 29.83 -14.79 8.49
CA TRP A 73 28.81 -14.88 7.46
C TRP A 73 29.17 -13.97 6.30
N LYS A 74 28.64 -14.33 5.11
CA LYS A 74 28.73 -13.61 3.85
C LYS A 74 27.33 -13.62 3.25
N CYS A 75 26.69 -12.45 3.14
CA CYS A 75 25.34 -12.34 2.58
C CYS A 75 25.30 -11.60 1.25
N TYR A 76 24.36 -11.98 0.38
CA TYR A 76 24.16 -11.42 -0.96
C TYR A 76 22.69 -11.03 -1.11
N TYR A 77 22.43 -9.81 -1.62
CA TYR A 77 21.07 -9.32 -1.78
C TYR A 77 20.81 -8.55 -3.08
N ASP A 78 19.60 -8.79 -3.68
CA ASP A 78 18.97 -8.15 -4.85
C ASP A 78 17.45 -8.05 -4.57
N ASN A 79 16.82 -6.94 -5.01
CA ASN A 79 15.38 -6.68 -4.79
C ASN A 79 14.46 -7.70 -5.49
N LYS A 80 14.53 -7.76 -6.84
CA LYS A 80 13.70 -8.63 -7.67
C LYS A 80 14.05 -10.12 -7.54
N LYS A 81 15.34 -10.44 -7.31
CA LYS A 81 15.80 -11.82 -7.15
C LYS A 81 15.34 -12.40 -5.83
N ASN A 82 14.76 -13.61 -5.87
CA ASN A 82 14.31 -14.28 -4.65
C ASN A 82 15.38 -15.23 -4.09
N ASN A 83 16.41 -15.55 -4.92
CA ASN A 83 17.58 -16.39 -4.58
C ASN A 83 18.63 -15.73 -3.65
N ASN A 84 18.19 -14.79 -2.78
CA ASN A 84 19.07 -14.08 -1.84
C ASN A 84 19.58 -15.04 -0.73
N LYS A 85 20.90 -15.33 -0.77
CA LYS A 85 21.52 -16.34 0.11
C LYS A 85 22.65 -15.82 1.00
N CYS A 86 22.87 -16.50 2.13
CA CYS A 86 23.94 -16.23 3.09
C CYS A 86 24.82 -17.47 3.24
N LYS A 87 26.13 -17.24 3.39
CA LYS A 87 27.11 -18.32 3.51
C LYS A 87 27.87 -18.22 4.83
N MET A 88 27.93 -19.33 5.56
CA MET A 88 28.60 -19.48 6.83
C MET A 88 30.04 -20.03 6.58
N GLU A 89 31.03 -19.13 6.65
CA GLU A 89 32.43 -19.48 6.45
C GLU A 89 32.99 -20.12 7.72
N ILE A 90 33.49 -19.29 8.67
CA ILE A 90 34.09 -19.73 9.93
C ILE A 90 33.06 -19.96 11.02
N ASN A 91 33.29 -21.02 11.80
CA ASN A 91 32.51 -21.43 12.98
C ASN A 91 33.51 -22.14 13.89
N ILE A 92 33.55 -21.75 15.18
CA ILE A 92 34.51 -22.31 16.15
C ILE A 92 33.86 -23.39 17.07
N ALA A 93 32.51 -23.38 17.23
CA ALA A 93 31.74 -24.31 18.05
C ALA A 93 31.64 -25.75 17.50
N ASN A 94 31.33 -25.92 16.19
CA ASN A 94 31.21 -27.24 15.55
C ASN A 94 32.51 -27.63 14.82
N SER A 95 32.57 -27.36 13.49
CA SER A 95 33.71 -27.64 12.61
C SER A 95 34.32 -26.30 12.14
N LYS A 96 35.67 -26.26 11.97
CA LYS A 96 36.50 -25.09 11.60
C LYS A 96 35.97 -24.18 10.44
N LEU A 97 35.92 -24.69 9.19
CA LEU A 97 35.46 -23.99 7.98
C LEU A 97 34.08 -24.53 7.51
N LYS A 98 33.12 -24.70 8.46
CA LYS A 98 31.78 -25.27 8.24
C LYS A 98 30.91 -24.44 7.27
N ASN A 99 31.12 -24.65 5.96
CA ASN A 99 30.46 -23.92 4.87
C ASN A 99 28.93 -24.11 4.66
N LYS A 100 28.13 -23.70 5.69
CA LYS A 100 26.67 -23.73 5.71
C LYS A 100 26.10 -22.62 4.82
N VAL A 101 25.00 -22.91 4.13
CA VAL A 101 24.33 -21.95 3.25
C VAL A 101 22.85 -21.85 3.66
N THR A 102 22.40 -20.65 3.96
CA THR A 102 21.00 -20.41 4.30
C THR A 102 20.48 -19.35 3.32
N SER A 103 19.20 -19.02 3.43
CA SER A 103 18.59 -17.93 2.67
C SER A 103 18.83 -16.68 3.50
N PHE A 104 18.69 -15.48 2.91
CA PHE A 104 18.86 -14.25 3.68
C PHE A 104 17.83 -14.18 4.81
N ASP A 105 16.57 -14.48 4.50
CA ASP A 105 15.43 -14.52 5.41
C ASP A 105 15.65 -15.44 6.61
N GLU A 106 16.30 -16.60 6.39
CA GLU A 106 16.62 -17.55 7.46
C GLU A 106 17.65 -16.93 8.41
N PHE A 107 18.71 -16.32 7.84
CA PHE A 107 19.79 -15.68 8.58
C PHE A 107 19.25 -14.50 9.38
N PHE A 108 18.51 -13.62 8.70
CA PHE A 108 17.94 -12.44 9.31
C PHE A 108 16.96 -12.76 10.47
N ASP A 109 16.11 -13.81 10.32
CA ASP A 109 15.17 -14.29 11.34
C ASP A 109 15.96 -14.79 12.55
N PHE A 110 17.02 -15.52 12.30
CA PHE A 110 17.89 -16.04 13.36
C PHE A 110 18.56 -14.87 14.11
N TRP A 111 19.06 -13.88 13.36
CA TRP A 111 19.78 -12.74 13.90
C TRP A 111 18.90 -11.91 14.79
N VAL A 112 17.67 -11.62 14.35
CA VAL A 112 16.72 -10.80 15.12
C VAL A 112 16.24 -11.58 16.35
N ARG A 113 15.78 -12.82 16.14
CA ARG A 113 15.32 -13.72 17.21
C ARG A 113 16.37 -13.86 18.32
N LYS A 114 17.65 -14.05 17.93
CA LYS A 114 18.75 -14.20 18.87
C LYS A 114 19.13 -12.88 19.54
N LEU A 115 18.97 -11.73 18.84
CA LEU A 115 19.23 -10.39 19.43
C LEU A 115 18.23 -10.15 20.55
N LEU A 116 16.95 -10.52 20.31
CA LEU A 116 15.87 -10.37 21.27
C LEU A 116 16.02 -11.30 22.47
N ILE A 117 16.36 -12.59 22.25
CA ILE A 117 16.57 -13.58 23.33
C ILE A 117 17.77 -13.15 24.21
N ASP A 118 18.92 -12.76 23.61
CA ASP A 118 20.12 -12.33 24.34
C ASP A 118 19.88 -11.05 25.16
N THR A 119 19.11 -10.09 24.60
CA THR A 119 18.74 -8.84 25.28
C THR A 119 18.05 -9.16 26.60
N ILE A 120 17.02 -10.04 26.57
CA ILE A 120 16.27 -10.51 27.73
C ILE A 120 17.16 -11.26 28.74
N LYS A 121 17.99 -12.19 28.28
CA LYS A 121 18.96 -12.95 29.06
C LYS A 121 19.97 -12.00 29.77
N TRP A 122 20.57 -11.06 29.03
CA TRP A 122 21.51 -10.08 29.57
C TRP A 122 20.84 -9.18 30.58
N GLU A 123 19.62 -8.68 30.28
CA GLU A 123 18.88 -7.75 31.13
C GLU A 123 18.52 -8.36 32.47
N THR A 124 18.11 -9.64 32.47
CA THR A 124 17.76 -10.34 33.70
C THR A 124 19.02 -10.63 34.54
N GLU A 125 20.15 -10.89 33.90
CA GLU A 125 21.41 -11.11 34.59
C GLU A 125 21.91 -9.78 35.19
N LEU A 126 21.82 -8.67 34.43
CA LEU A 126 22.21 -7.33 34.90
C LEU A 126 21.23 -6.65 35.87
N THR A 127 19.94 -7.04 35.88
CA THR A 127 18.95 -6.47 36.82
C THR A 127 19.19 -7.10 38.20
N TYR A 128 19.61 -8.39 38.21
CA TYR A 128 19.96 -9.13 39.41
C TYR A 128 21.05 -8.34 40.13
N CYS A 129 22.11 -8.03 39.37
CA CYS A 129 23.30 -7.33 39.81
C CYS A 129 23.07 -5.96 40.39
N ILE A 130 22.13 -5.17 39.86
CA ILE A 130 21.79 -3.86 40.43
C ILE A 130 21.20 -4.05 41.87
N ASN A 131 20.32 -5.08 42.05
CA ASN A 131 19.68 -5.40 43.33
C ASN A 131 20.52 -6.30 44.27
N ASN A 132 21.69 -6.79 43.79
CA ASN A 132 22.61 -7.66 44.54
C ASN A 132 24.09 -7.27 44.33
N THR A 133 24.43 -5.99 44.55
CA THR A 133 25.79 -5.48 44.38
C THR A 133 26.55 -5.31 45.68
N ASP A 134 27.88 -5.21 45.57
CA ASP A 134 28.81 -4.98 46.65
C ASP A 134 29.30 -3.51 46.60
N VAL A 135 29.56 -2.92 47.78
CA VAL A 135 30.11 -1.56 47.91
C VAL A 135 31.64 -1.68 47.71
N THR A 136 32.16 -2.92 47.87
CA THR A 136 33.55 -3.36 47.74
C THR A 136 33.64 -4.29 46.51
N ASP A 137 33.06 -3.81 45.39
CA ASP A 137 32.89 -4.51 44.11
C ASP A 137 34.17 -4.93 43.34
N CYS A 138 34.42 -6.25 43.36
CA CYS A 138 35.48 -6.94 42.64
C CYS A 138 34.81 -7.99 41.72
N ASN A 139 33.50 -8.24 42.01
CA ASN A 139 32.51 -9.15 41.44
C ASN A 139 32.45 -9.41 39.94
N LYS A 140 31.73 -10.50 39.59
CA LYS A 140 31.39 -10.91 38.24
C LYS A 140 30.39 -9.91 37.65
N CYS A 141 29.59 -9.23 38.51
CA CYS A 141 28.59 -8.23 38.14
C CYS A 141 29.19 -7.00 37.43
N ASN A 142 30.44 -6.63 37.81
CA ASN A 142 31.17 -5.54 37.14
C ASN A 142 31.76 -6.12 35.83
N LYS A 143 32.23 -7.38 35.85
CA LYS A 143 32.78 -8.10 34.68
C LYS A 143 31.68 -8.32 33.62
N ASN A 144 30.44 -8.65 34.09
CA ASN A 144 29.24 -8.84 33.28
C ASN A 144 28.87 -7.54 32.58
N CYS A 145 29.07 -6.43 33.29
CA CYS A 145 28.81 -5.09 32.83
C CYS A 145 29.73 -4.68 31.67
N VAL A 146 31.02 -4.99 31.81
CA VAL A 146 32.03 -4.71 30.81
C VAL A 146 31.78 -5.57 29.55
N CYS A 147 31.45 -6.86 29.73
CA CYS A 147 31.16 -7.72 28.59
C CYS A 147 29.87 -7.33 27.85
N PHE A 148 28.85 -6.85 28.59
CA PHE A 148 27.60 -6.39 27.99
C PHE A 148 27.84 -5.19 27.08
N ASP A 149 28.60 -4.18 27.53
CA ASP A 149 28.96 -2.98 26.75
C ASP A 149 29.72 -3.37 25.50
N LYS A 150 30.64 -4.35 25.62
CA LYS A 150 31.43 -4.87 24.52
C LYS A 150 30.47 -5.52 23.51
N TRP A 151 29.50 -6.31 24.03
CA TRP A 151 28.47 -7.03 23.29
C TRP A 151 27.49 -6.09 22.52
N VAL A 152 27.04 -4.97 23.16
CA VAL A 152 26.15 -3.98 22.53
C VAL A 152 26.86 -3.43 21.28
N LYS A 153 28.16 -3.04 21.44
CA LYS A 153 29.02 -2.51 20.37
C LYS A 153 29.19 -3.54 19.24
N GLN A 154 29.36 -4.83 19.60
CA GLN A 154 29.46 -5.95 18.65
C GLN A 154 28.15 -6.10 17.86
N LYS A 155 27.00 -6.02 18.54
CA LYS A 155 25.68 -6.13 17.92
C LYS A 155 25.37 -4.96 17.01
N GLU A 156 25.82 -3.73 17.38
CA GLU A 156 25.69 -2.50 16.55
C GLU A 156 26.52 -2.67 15.26
N ASP A 157 27.70 -3.29 15.34
CA ASP A 157 28.55 -3.54 14.18
C ASP A 157 27.91 -4.56 13.25
N GLU A 158 27.35 -5.66 13.82
CA GLU A 158 26.64 -6.70 13.10
C GLU A 158 25.47 -6.09 12.32
N TRP A 159 24.69 -5.22 13.00
CA TRP A 159 23.54 -4.54 12.41
C TRP A 159 23.94 -3.62 11.23
N THR A 160 24.99 -2.79 11.40
CA THR A 160 25.47 -1.88 10.36
C THR A 160 26.00 -2.59 9.13
N ASN A 161 26.66 -3.75 9.33
CA ASN A 161 27.18 -4.60 8.26
C ASN A 161 26.02 -5.18 7.47
N ILE A 162 24.93 -5.64 8.17
CA ILE A 162 23.69 -6.18 7.57
C ILE A 162 23.01 -5.09 6.74
N MET A 163 23.00 -3.85 7.27
CA MET A 163 22.40 -2.69 6.62
C MET A 163 23.08 -2.29 5.33
N LYS A 164 24.37 -2.62 5.17
CA LYS A 164 25.14 -2.34 3.95
C LYS A 164 24.54 -3.03 2.69
N LEU A 165 23.71 -4.07 2.90
CA LEU A 165 23.00 -4.80 1.84
C LEU A 165 21.91 -3.94 1.21
N PHE A 166 21.55 -2.82 1.87
CA PHE A 166 20.46 -1.94 1.43
C PHE A 166 20.92 -0.54 0.93
N THR A 167 20.67 -0.30 -0.39
CA THR A 167 21.06 0.92 -1.13
C THR A 167 20.53 2.24 -0.56
N ASN A 168 19.34 2.21 0.10
CA ASN A 168 18.73 3.39 0.72
C ASN A 168 17.79 3.06 1.88
N LYS A 169 17.79 3.92 2.93
CA LYS A 169 16.89 3.85 4.09
C LYS A 169 15.44 4.05 3.60
N HIS A 170 15.23 5.04 2.69
CA HIS A 170 13.93 5.40 2.08
C HIS A 170 13.14 4.16 1.58
N ASP A 171 13.85 3.06 1.24
CA ASP A 171 13.22 1.79 0.85
C ASP A 171 13.93 0.49 1.28
N ILE A 172 14.12 0.34 2.60
CA ILE A 172 14.64 -0.90 3.20
C ILE A 172 13.34 -1.70 3.44
N PRO A 173 13.15 -2.92 2.84
CA PRO A 173 11.84 -3.60 2.94
C PRO A 173 11.21 -3.63 4.33
N LYS A 174 9.87 -3.42 4.41
CA LYS A 174 9.12 -3.43 5.67
C LYS A 174 9.38 -4.72 6.44
N LYS A 175 9.57 -5.84 5.70
CA LYS A 175 9.87 -7.18 6.21
C LYS A 175 11.06 -7.19 7.18
N TYR A 176 12.12 -6.40 6.90
CA TYR A 176 13.35 -6.34 7.70
C TYR A 176 13.49 -5.08 8.57
N TYR A 177 12.44 -4.24 8.58
CA TYR A 177 12.46 -2.96 9.30
C TYR A 177 11.12 -2.76 9.99
N LEU A 178 10.75 -3.71 10.86
CA LEU A 178 9.44 -3.63 11.53
C LEU A 178 9.39 -2.64 12.69
N ASN A 179 8.19 -2.06 12.95
CA ASN A 179 7.98 -1.18 14.09
C ASN A 179 7.82 -2.04 15.36
N ILE A 180 7.76 -1.41 16.56
CA ILE A 180 7.65 -2.08 17.86
C ILE A 180 6.51 -3.09 17.90
N ASN A 181 5.30 -2.67 17.52
CA ASN A 181 4.10 -3.51 17.53
C ASN A 181 4.27 -4.74 16.66
N ASP A 182 4.73 -4.57 15.41
CA ASP A 182 4.92 -5.66 14.43
C ASP A 182 5.98 -6.65 14.91
N LEU A 183 7.15 -6.15 15.33
CA LEU A 183 8.27 -6.94 15.86
C LEU A 183 7.84 -7.77 17.07
N PHE A 184 7.13 -7.14 18.01
CA PHE A 184 6.62 -7.81 19.20
C PHE A 184 5.52 -8.85 18.93
N ASP A 185 4.81 -8.71 17.79
CA ASP A 185 3.80 -9.68 17.33
C ASP A 185 4.52 -10.82 16.62
N SER A 186 5.35 -10.50 15.61
CA SER A 186 6.12 -11.44 14.78
C SER A 186 6.98 -12.46 15.55
N PHE A 187 7.63 -12.01 16.64
CA PHE A 187 8.55 -12.78 17.45
C PHE A 187 8.02 -13.19 18.83
N PHE A 188 6.70 -13.01 19.07
CA PHE A 188 6.03 -13.37 20.31
C PHE A 188 6.36 -14.82 20.67
N PHE A 189 5.87 -15.81 19.90
CA PHE A 189 6.10 -17.25 20.11
C PHE A 189 7.55 -17.70 20.16
N GLN A 190 8.40 -17.23 19.20
CA GLN A 190 9.83 -17.60 19.16
C GLN A 190 10.65 -17.23 20.40
N VAL A 191 10.54 -15.99 20.88
CA VAL A 191 11.29 -15.44 22.00
C VAL A 191 10.72 -15.96 23.34
N ILE A 192 9.40 -15.86 23.50
CA ILE A 192 8.63 -16.30 24.67
C ILE A 192 8.91 -17.75 25.10
N TYR A 193 9.15 -18.63 24.13
CA TYR A 193 9.37 -20.06 24.28
C TYR A 193 10.52 -20.37 25.22
N LYS A 194 11.58 -19.62 25.07
CA LYS A 194 12.84 -19.82 25.77
C LYS A 194 12.74 -19.65 27.27
N PHE A 195 11.96 -18.66 27.69
CA PHE A 195 11.91 -18.20 29.05
C PHE A 195 10.81 -18.62 29.97
N ASN A 196 11.19 -18.81 31.24
CA ASN A 196 10.27 -19.00 32.34
C ASN A 196 9.81 -17.53 32.54
N GLU A 197 8.47 -17.32 32.66
CA GLU A 197 7.90 -15.97 32.77
C GLU A 197 8.25 -15.12 31.52
N GLY A 198 8.27 -15.79 30.37
CA GLY A 198 8.57 -15.23 29.06
C GLY A 198 7.57 -14.19 28.58
N GLU A 199 6.28 -14.44 28.81
CA GLU A 199 5.19 -13.55 28.41
C GLU A 199 5.32 -12.18 29.06
N ALA A 200 5.75 -12.16 30.35
CA ALA A 200 5.92 -10.96 31.16
C ALA A 200 7.19 -10.21 30.80
N LYS A 201 8.29 -10.93 30.50
CA LYS A 201 9.57 -10.32 30.09
C LYS A 201 9.43 -9.64 28.73
N TRP A 202 8.61 -10.23 27.85
CA TRP A 202 8.29 -9.72 26.51
C TRP A 202 7.48 -8.46 26.62
N ASN A 203 6.45 -8.45 27.50
CA ASN A 203 5.62 -7.26 27.72
C ASN A 203 6.42 -6.13 28.35
N GLU A 204 7.34 -6.47 29.26
CA GLU A 204 8.20 -5.52 29.94
C GLU A 204 9.11 -4.85 28.90
N LEU A 205 9.68 -5.66 27.97
CA LEU A 205 10.55 -5.21 26.88
C LEU A 205 9.79 -4.27 25.96
N LYS A 206 8.58 -4.65 25.51
CA LYS A 206 7.73 -3.81 24.65
C LYS A 206 7.43 -2.46 25.29
N GLU A 207 7.03 -2.44 26.57
CA GLU A 207 6.72 -1.20 27.30
C GLU A 207 7.96 -0.31 27.44
N ASN A 208 9.14 -0.93 27.67
CA ASN A 208 10.41 -0.23 27.79
C ASN A 208 10.89 0.37 26.46
N LEU A 209 10.54 -0.27 25.34
CA LEU A 209 10.88 0.27 24.02
C LEU A 209 9.91 1.41 23.72
N LYS A 210 8.64 1.26 24.16
CA LYS A 210 7.59 2.27 24.00
C LYS A 210 7.92 3.54 24.81
N LYS A 211 8.58 3.40 25.99
CA LYS A 211 9.06 4.49 26.85
C LYS A 211 10.24 5.20 26.17
N GLN A 212 11.16 4.42 25.52
CA GLN A 212 12.33 4.93 24.79
C GLN A 212 11.88 5.83 23.64
N ILE A 213 10.91 5.35 22.82
CA ILE A 213 10.41 6.12 21.68
C ILE A 213 9.66 7.38 22.13
N ALA A 214 8.96 7.32 23.28
CA ALA A 214 8.23 8.44 23.87
C ALA A 214 9.21 9.52 24.33
N SER A 215 10.32 9.13 25.00
CA SER A 215 11.35 10.07 25.49
C SER A 215 12.18 10.72 24.36
N SER A 216 12.40 10.00 23.24
CA SER A 216 13.17 10.51 22.12
C SER A 216 12.27 11.24 21.13
N SER A 225 6.82 6.22 14.93
CA SER A 225 6.72 4.79 14.55
C SER A 225 8.01 4.33 13.83
N GLU A 226 9.14 4.45 14.52
CA GLU A 226 10.47 4.08 14.03
C GLU A 226 10.68 2.56 14.10
N ALA A 227 11.76 2.07 13.46
CA ALA A 227 12.19 0.68 13.45
C ALA A 227 12.48 0.26 14.87
N ALA A 228 11.93 -0.90 15.26
CA ALA A 228 12.06 -1.46 16.59
C ALA A 228 13.50 -1.75 16.98
N ILE A 229 14.37 -2.13 16.00
CA ILE A 229 15.80 -2.47 16.22
C ILE A 229 16.60 -1.24 16.70
N LYS A 230 16.33 -0.07 16.12
CA LYS A 230 16.99 1.16 16.53
C LYS A 230 16.53 1.64 17.92
N VAL A 231 15.24 1.39 18.27
CA VAL A 231 14.70 1.66 19.60
C VAL A 231 15.36 0.68 20.60
N LEU A 232 15.48 -0.61 20.19
CA LEU A 232 16.12 -1.66 20.98
C LEU A 232 17.58 -1.34 21.27
N PHE A 233 18.35 -0.86 20.26
CA PHE A 233 19.73 -0.42 20.43
C PHE A 233 19.82 0.69 21.45
N ASN A 234 18.90 1.66 21.40
CA ASN A 234 18.83 2.75 22.39
C ASN A 234 18.60 2.24 23.80
N HIS A 235 17.69 1.25 23.96
CA HIS A 235 17.37 0.61 25.24
C HIS A 235 18.61 -0.13 25.81
N ILE A 236 19.29 -0.94 24.96
CA ILE A 236 20.48 -1.69 25.39
C ILE A 236 21.69 -0.81 25.69
N LYS A 237 21.87 0.28 24.91
CA LYS A 237 22.92 1.28 25.10
C LYS A 237 22.70 2.00 26.44
N GLU A 238 21.43 2.24 26.84
CA GLU A 238 21.03 2.86 28.11
C GLU A 238 21.36 1.95 29.29
N ILE A 239 21.07 0.63 29.16
CA ILE A 239 21.36 -0.39 30.17
C ILE A 239 22.86 -0.42 30.46
N ALA A 240 23.69 -0.36 29.41
CA ALA A 240 25.15 -0.34 29.51
C ALA A 240 25.66 0.98 30.13
N THR A 241 24.97 2.10 29.88
CA THR A 241 25.32 3.40 30.46
C THR A 241 25.07 3.37 31.99
N ILE A 242 23.85 2.91 32.43
CA ILE A 242 23.44 2.77 33.85
C ILE A 242 24.42 1.85 34.56
N CYS A 243 24.71 0.76 33.88
CA CYS A 243 25.60 -0.33 34.24
C CYS A 243 27.04 0.14 34.51
N LYS A 244 27.65 0.86 33.54
CA LYS A 244 29.00 1.43 33.60
C LYS A 244 29.13 2.48 34.70
N ASP A 245 28.12 3.37 34.84
CA ASP A 245 28.06 4.40 35.86
C ASP A 245 28.10 3.78 37.28
N ASN A 246 27.51 2.59 37.47
CA ASN A 246 27.55 1.87 38.75
C ASN A 246 28.94 1.23 38.99
N ASN A 247 29.58 0.65 37.93
CA ASN A 247 30.92 0.04 37.95
C ASN A 247 31.97 0.92 38.64
N THR A 248 31.83 2.25 38.49
CA THR A 248 32.69 3.25 39.10
C THR A 248 32.27 3.39 40.60
N ASN A 249 32.90 2.57 41.48
CA ASN A 249 32.68 2.50 42.94
C ASN A 249 33.88 1.91 43.72
N GLN B 2 -27.77 -15.20 12.21
CA GLN B 2 -27.28 -16.45 11.65
C GLN B 2 -25.80 -16.75 11.91
N ARG B 3 -24.88 -16.50 10.94
CA ARG B 3 -23.49 -16.90 11.12
C ARG B 3 -22.45 -16.02 10.45
N LEU B 4 -21.21 -16.09 10.94
CA LEU B 4 -20.06 -15.46 10.32
C LEU B 4 -19.01 -16.51 10.24
N HIS B 5 -18.58 -16.83 9.03
CA HIS B 5 -17.52 -17.80 8.82
C HIS B 5 -16.28 -17.07 8.33
N MET B 6 -15.09 -17.56 8.65
CA MET B 6 -13.85 -16.92 8.18
C MET B 6 -12.91 -18.01 7.76
N LEU B 7 -12.30 -17.84 6.59
CA LEU B 7 -11.42 -18.85 6.05
C LEU B 7 -10.08 -18.23 5.71
N GLN B 8 -9.01 -18.86 6.12
CA GLN B 8 -7.67 -18.37 5.81
C GLN B 8 -6.85 -19.54 5.31
N ILE B 9 -6.27 -19.39 4.11
CA ILE B 9 -5.38 -20.38 3.54
C ILE B 9 -4.05 -19.70 3.51
N SER B 10 -3.05 -20.39 4.03
CA SER B 10 -1.69 -19.87 4.11
C SER B 10 -0.79 -20.80 3.36
N TYR B 11 -0.21 -20.34 2.24
CA TYR B 11 0.71 -21.12 1.42
C TYR B 11 2.14 -20.76 1.79
N PHE B 12 2.84 -21.70 2.43
CA PHE B 12 4.21 -21.47 2.85
C PHE B 12 5.17 -22.07 1.83
N ARG B 13 5.96 -21.24 1.11
CA ARG B 13 6.97 -21.81 0.20
C ARG B 13 8.13 -22.33 1.00
N ASP B 14 8.43 -21.64 2.10
CA ASP B 14 9.46 -21.97 3.08
C ASP B 14 9.01 -21.35 4.41
N PRO B 15 9.77 -21.52 5.53
CA PRO B 15 9.35 -20.93 6.82
C PRO B 15 9.15 -19.40 6.86
N TYR B 16 9.89 -18.67 6.01
CA TYR B 16 9.96 -17.22 6.00
C TYR B 16 9.07 -16.49 5.00
N HIS B 17 8.47 -17.21 4.04
CA HIS B 17 7.59 -16.58 3.03
C HIS B 17 6.22 -17.24 2.98
N VAL B 18 5.16 -16.44 3.11
CA VAL B 18 3.80 -16.97 3.08
C VAL B 18 2.91 -16.12 2.26
N TRP B 19 2.04 -16.76 1.48
CA TRP B 19 1.02 -16.09 0.71
C TRP B 19 -0.30 -16.44 1.40
N TYR B 20 -1.05 -15.40 1.78
CA TYR B 20 -2.35 -15.59 2.42
C TYR B 20 -3.46 -15.38 1.39
N GLN B 21 -4.52 -16.17 1.49
CA GLN B 21 -5.72 -16.08 0.65
C GLN B 21 -6.86 -16.46 1.58
N GLY B 22 -7.80 -15.57 1.76
CA GLY B 22 -8.91 -15.86 2.65
C GLY B 22 -10.13 -15.06 2.29
N ASN B 23 -11.23 -15.36 3.00
CA ASN B 23 -12.49 -14.68 2.85
C ASN B 23 -13.29 -14.80 4.16
N ALA B 24 -14.44 -14.09 4.20
CA ALA B 24 -15.41 -14.21 5.28
C ALA B 24 -16.79 -14.05 4.68
N SER B 25 -17.79 -14.69 5.30
CA SER B 25 -19.16 -14.65 4.82
C SER B 25 -20.11 -14.51 5.96
N LEU B 26 -21.13 -13.66 5.77
CA LEU B 26 -22.20 -13.46 6.73
C LEU B 26 -23.42 -14.09 6.10
N GLY B 27 -23.91 -15.15 6.73
CA GLY B 27 -25.06 -15.93 6.28
C GLY B 27 -25.14 -16.28 4.81
N GLY B 28 -24.09 -16.91 4.27
CA GLY B 28 -24.04 -17.36 2.88
C GLY B 28 -23.62 -16.31 1.86
N HIS B 29 -23.43 -15.06 2.30
CA HIS B 29 -23.02 -13.95 1.45
C HIS B 29 -21.58 -13.57 1.71
N LEU B 30 -20.75 -13.57 0.64
CA LEU B 30 -19.34 -13.17 0.74
C LEU B 30 -19.23 -11.70 1.13
N THR B 31 -18.49 -11.42 2.21
CA THR B 31 -18.37 -10.06 2.76
C THR B 31 -16.94 -9.51 2.83
N HIS B 32 -15.94 -10.38 2.94
CA HIS B 32 -14.55 -9.94 3.08
C HIS B 32 -13.62 -10.81 2.29
N VAL B 33 -12.49 -10.23 1.91
CA VAL B 33 -11.44 -10.93 1.20
C VAL B 33 -10.11 -10.52 1.83
N LEU B 34 -9.19 -11.43 1.81
CA LEU B 34 -7.85 -11.24 2.36
C LEU B 34 -6.91 -11.85 1.34
N GLU B 35 -5.85 -11.12 0.94
CA GLU B 35 -4.88 -11.66 -0.01
C GLU B 35 -3.56 -10.91 0.01
N GLY B 36 -2.46 -11.64 -0.13
CA GLY B 36 -1.17 -11.01 -0.22
C GLY B 36 -0.06 -11.73 0.49
N PRO B 37 1.21 -11.31 0.26
CA PRO B 37 2.32 -11.94 0.97
C PRO B 37 2.34 -11.47 2.42
N ASP B 38 3.09 -12.12 3.28
CA ASP B 38 3.27 -11.71 4.67
C ASP B 38 3.98 -10.33 4.76
N THR B 39 3.47 -9.41 5.62
CA THR B 39 3.94 -8.02 5.78
C THR B 39 3.38 -7.11 4.66
N ASN B 40 2.53 -7.63 3.77
CA ASN B 40 1.88 -6.85 2.72
C ASN B 40 0.54 -7.53 2.27
N THR B 41 -0.26 -7.86 3.27
CA THR B 41 -1.53 -8.51 3.07
C THR B 41 -2.67 -7.52 3.05
N THR B 42 -3.42 -7.52 1.95
CA THR B 42 -4.58 -6.68 1.76
C THR B 42 -5.80 -7.33 2.41
N ILE B 43 -6.52 -6.59 3.24
CA ILE B 43 -7.75 -7.03 3.91
C ILE B 43 -8.84 -6.04 3.52
N ILE B 44 -9.89 -6.54 2.88
CA ILE B 44 -10.99 -5.71 2.38
C ILE B 44 -12.38 -6.17 2.86
N GLN B 45 -13.26 -5.20 3.16
CA GLN B 45 -14.67 -5.47 3.39
C GLN B 45 -15.34 -5.02 2.09
N LEU B 46 -15.92 -5.98 1.37
CA LEU B 46 -16.53 -5.75 0.07
C LEU B 46 -17.69 -4.76 0.09
N GLN B 47 -18.36 -4.68 1.23
CA GLN B 47 -19.46 -3.76 1.52
C GLN B 47 -19.06 -2.94 2.78
N PRO B 48 -19.44 -1.65 2.84
CA PRO B 48 -19.11 -0.81 4.01
C PRO B 48 -19.85 -1.18 5.33
N LEU B 49 -19.70 -2.43 5.78
CA LEU B 49 -20.36 -2.90 7.00
C LEU B 49 -19.92 -2.12 8.24
N GLN B 50 -18.61 -1.89 8.36
CA GLN B 50 -18.04 -1.12 9.45
C GLN B 50 -17.63 0.27 8.94
N GLU B 51 -17.82 1.30 9.78
CA GLU B 51 -17.44 2.67 9.48
C GLU B 51 -15.87 2.74 9.43
N PRO B 52 -15.26 3.77 8.77
CA PRO B 52 -13.79 3.81 8.65
C PRO B 52 -12.91 3.54 9.87
N GLU B 53 -13.21 4.15 11.01
CA GLU B 53 -12.45 3.98 12.26
C GLU B 53 -12.53 2.56 12.80
N SER B 54 -13.75 2.00 12.87
CA SER B 54 -14.02 0.65 13.34
C SER B 54 -13.36 -0.40 12.43
N TRP B 55 -13.38 -0.18 11.09
CA TRP B 55 -12.77 -1.09 10.13
C TRP B 55 -11.24 -1.08 10.31
N ALA B 56 -10.67 0.11 10.52
CA ALA B 56 -9.23 0.27 10.74
C ALA B 56 -8.80 -0.52 11.97
N ARG B 57 -9.62 -0.52 13.04
CA ARG B 57 -9.34 -1.27 14.27
C ARG B 57 -9.36 -2.78 14.00
N THR B 58 -10.36 -3.24 13.23
CA THR B 58 -10.49 -4.64 12.83
C THR B 58 -9.31 -5.08 12.02
N GLN B 59 -8.92 -4.27 11.02
CA GLN B 59 -7.76 -4.56 10.17
C GLN B 59 -6.51 -4.69 11.02
N SER B 60 -6.31 -3.77 11.98
CA SER B 60 -5.16 -3.80 12.89
C SER B 60 -5.06 -5.12 13.65
N GLY B 61 -6.19 -5.60 14.18
CA GLY B 61 -6.26 -6.86 14.92
C GLY B 61 -5.94 -8.05 14.05
N LEU B 62 -6.39 -8.00 12.79
CA LEU B 62 -6.16 -9.09 11.84
C LEU B 62 -4.72 -9.12 11.39
N GLN B 63 -4.12 -7.96 11.23
CA GLN B 63 -2.71 -7.87 10.82
C GLN B 63 -1.81 -8.39 11.94
N SER B 64 -2.13 -8.09 13.21
CA SER B 64 -1.40 -8.60 14.36
C SER B 64 -1.52 -10.11 14.44
N TYR B 65 -2.74 -10.61 14.20
CA TYR B 65 -2.98 -12.05 14.20
C TYR B 65 -2.06 -12.73 13.16
N LEU B 66 -2.00 -12.19 11.93
CA LEU B 66 -1.20 -12.80 10.84
C LEU B 66 0.27 -12.88 11.21
N LEU B 67 0.82 -11.82 11.81
CA LEU B 67 2.23 -11.81 12.23
C LEU B 67 2.52 -12.87 13.28
N GLN B 68 1.60 -13.02 14.25
CA GLN B 68 1.68 -14.02 15.33
C GLN B 68 1.55 -15.43 14.82
N PHE B 69 0.58 -15.65 13.91
CA PHE B 69 0.34 -16.92 13.24
C PHE B 69 1.63 -17.38 12.54
N HIS B 70 2.20 -16.49 11.68
CA HIS B 70 3.44 -16.79 10.98
C HIS B 70 4.55 -17.12 11.99
N GLY B 71 4.65 -16.34 13.05
CA GLY B 71 5.64 -16.56 14.11
C GLY B 71 5.54 -17.95 14.75
N LEU B 72 4.32 -18.44 15.00
CA LEU B 72 4.10 -19.78 15.55
C LEU B 72 4.57 -20.84 14.56
N VAL B 73 4.31 -20.65 13.24
CA VAL B 73 4.71 -21.62 12.23
C VAL B 73 6.21 -21.70 12.20
N ARG B 74 6.87 -20.54 12.22
CA ARG B 74 8.33 -20.44 12.25
C ARG B 74 8.89 -21.17 13.46
N LEU B 75 8.28 -20.98 14.63
CA LEU B 75 8.71 -21.64 15.85
C LEU B 75 8.59 -23.17 15.76
N VAL B 76 7.45 -23.68 15.27
CA VAL B 76 7.23 -25.13 15.15
C VAL B 76 8.28 -25.73 14.25
N HIS B 77 8.56 -25.06 13.14
CA HIS B 77 9.59 -25.52 12.23
C HIS B 77 10.96 -25.50 12.91
N GLN B 78 11.34 -24.42 13.56
CA GLN B 78 12.65 -24.31 14.20
C GLN B 78 12.88 -25.32 15.29
N GLU B 79 11.82 -25.66 16.01
CA GLU B 79 11.90 -26.60 17.13
C GLU B 79 11.65 -28.06 16.81
N ARG B 80 10.77 -28.33 15.82
CA ARG B 80 10.37 -29.70 15.53
C ARG B 80 10.51 -30.16 14.06
N THR B 81 10.77 -29.22 13.14
CA THR B 81 10.90 -29.41 11.69
C THR B 81 9.60 -29.70 10.97
N LEU B 82 9.23 -28.81 10.04
CA LEU B 82 8.06 -28.95 9.17
C LEU B 82 8.52 -29.19 7.76
N ALA B 83 7.74 -29.90 6.96
CA ALA B 83 8.11 -30.19 5.58
C ALA B 83 7.44 -29.17 4.67
N PHE B 84 8.25 -28.36 3.98
CA PHE B 84 7.79 -27.29 3.07
C PHE B 84 7.97 -27.71 1.59
N PRO B 85 7.13 -27.24 0.63
CA PRO B 85 5.97 -26.31 0.78
C PRO B 85 4.80 -26.91 1.54
N LEU B 86 4.01 -26.08 2.14
CA LEU B 86 2.99 -26.50 3.08
C LEU B 86 1.86 -25.52 2.98
N THR B 87 0.66 -26.01 3.19
CA THR B 87 -0.53 -25.17 3.18
C THR B 87 -1.23 -25.41 4.52
N ILE B 88 -1.67 -24.34 5.15
CA ILE B 88 -2.44 -24.39 6.39
C ILE B 88 -3.79 -23.77 6.12
N ARG B 89 -4.84 -24.39 6.61
CA ARG B 89 -6.17 -23.87 6.44
C ARG B 89 -6.75 -23.66 7.81
N CYS B 90 -7.22 -22.46 8.07
CA CYS B 90 -7.92 -22.10 9.31
C CYS B 90 -9.34 -21.78 8.93
N PHE B 91 -10.29 -22.49 9.51
CA PHE B 91 -11.70 -22.29 9.25
C PHE B 91 -12.32 -22.02 10.61
N LEU B 92 -12.91 -20.85 10.77
CA LEU B 92 -13.43 -20.43 12.06
C LEU B 92 -14.72 -19.64 11.94
N GLY B 93 -15.41 -19.46 13.06
CA GLY B 93 -16.64 -18.71 13.02
C GLY B 93 -17.53 -18.88 14.23
N CYS B 94 -18.72 -18.31 14.12
CA CYS B 94 -19.74 -18.33 15.15
C CYS B 94 -21.10 -18.48 14.48
N GLU B 95 -21.97 -19.28 15.09
CA GLU B 95 -23.30 -19.57 14.57
C GLU B 95 -24.28 -19.39 15.69
N LEU B 96 -25.29 -18.55 15.46
CA LEU B 96 -26.28 -18.22 16.47
C LEU B 96 -27.57 -19.02 16.25
N PRO B 97 -27.88 -19.98 17.16
CA PRO B 97 -29.10 -20.79 17.03
C PRO B 97 -30.39 -19.96 17.02
N PRO B 98 -31.40 -20.38 16.23
CA PRO B 98 -32.66 -19.61 16.14
C PRO B 98 -33.43 -19.56 17.45
N GLU B 99 -33.34 -20.66 18.20
CA GLU B 99 -34.01 -20.86 19.48
C GLU B 99 -33.58 -19.88 20.57
N GLY B 100 -32.31 -19.51 20.58
CA GLY B 100 -31.81 -18.54 21.56
C GLY B 100 -30.73 -19.04 22.48
N SER B 101 -30.28 -20.30 22.30
CA SER B 101 -29.21 -20.87 23.13
C SER B 101 -27.86 -20.19 22.78
N ARG B 102 -26.80 -20.54 23.54
CA ARG B 102 -25.47 -19.99 23.37
C ARG B 102 -24.94 -20.29 21.97
N ALA B 103 -24.27 -19.31 21.37
CA ALA B 103 -23.68 -19.44 20.03
C ALA B 103 -22.74 -20.63 19.93
N HIS B 104 -22.77 -21.34 18.78
CA HIS B 104 -21.83 -22.43 18.52
C HIS B 104 -20.64 -21.78 17.83
N VAL B 105 -19.42 -22.05 18.31
CA VAL B 105 -18.19 -21.45 17.80
C VAL B 105 -17.17 -22.52 17.44
N PHE B 106 -16.25 -22.21 16.51
CA PHE B 106 -15.23 -23.16 16.06
C PHE B 106 -14.01 -22.47 15.49
N PHE B 107 -12.91 -23.21 15.48
CA PHE B 107 -11.64 -22.79 14.90
C PHE B 107 -10.93 -24.11 14.63
N GLU B 108 -10.96 -24.54 13.35
CA GLU B 108 -10.36 -25.79 12.90
C GLU B 108 -9.16 -25.53 11.99
N VAL B 109 -8.03 -26.18 12.30
CA VAL B 109 -6.80 -26.02 11.52
C VAL B 109 -6.49 -27.33 10.77
N ALA B 110 -6.23 -27.23 9.47
CA ALA B 110 -5.82 -28.37 8.65
C ALA B 110 -4.47 -28.08 8.05
N VAL B 111 -3.63 -29.10 7.84
CA VAL B 111 -2.32 -28.90 7.22
C VAL B 111 -2.28 -29.79 5.96
N ASN B 112 -1.99 -29.22 4.78
CA ASN B 112 -1.96 -29.95 3.51
C ASN B 112 -3.26 -30.72 3.24
N GLY B 113 -4.39 -30.11 3.62
CA GLY B 113 -5.72 -30.70 3.44
C GLY B 113 -6.14 -31.77 4.44
N SER B 114 -5.30 -32.06 5.45
CA SER B 114 -5.63 -33.05 6.50
C SER B 114 -5.84 -32.39 7.84
N SER B 115 -6.89 -32.81 8.57
CA SER B 115 -7.23 -32.28 9.90
C SER B 115 -5.99 -32.32 10.80
N PHE B 116 -5.79 -31.27 11.60
CA PHE B 116 -4.61 -31.16 12.44
C PHE B 116 -4.97 -30.90 13.91
N VAL B 117 -5.45 -29.70 14.21
CA VAL B 117 -5.87 -29.31 15.56
C VAL B 117 -7.16 -28.48 15.46
N SER B 118 -7.90 -28.41 16.56
CA SER B 118 -9.09 -27.56 16.63
C SER B 118 -9.30 -27.04 18.03
N PHE B 119 -9.99 -25.91 18.11
CA PHE B 119 -10.27 -25.27 19.37
C PHE B 119 -11.55 -25.77 20.00
N ARG B 120 -11.49 -25.95 21.29
CA ARG B 120 -12.62 -26.41 22.08
C ARG B 120 -12.94 -25.23 23.01
N PRO B 121 -14.02 -24.48 22.76
CA PRO B 121 -14.30 -23.29 23.57
C PRO B 121 -14.75 -23.49 25.02
N GLU B 122 -15.31 -24.63 25.38
CA GLU B 122 -15.81 -24.88 26.75
C GLU B 122 -14.75 -24.61 27.85
N ARG B 123 -13.53 -25.13 27.67
CA ARG B 123 -12.43 -24.94 28.61
C ARG B 123 -11.30 -24.11 27.95
N ALA B 124 -11.57 -23.61 26.72
CA ALA B 124 -10.65 -22.79 25.92
C ALA B 124 -9.30 -23.51 25.69
N LEU B 125 -9.38 -24.74 25.19
CA LEU B 125 -8.23 -25.57 24.95
C LEU B 125 -8.23 -26.10 23.55
N TRP B 126 -7.04 -26.32 23.00
CA TRP B 126 -6.88 -26.88 21.68
C TRP B 126 -6.64 -28.36 21.81
N GLN B 127 -7.15 -29.16 20.85
CA GLN B 127 -6.99 -30.61 20.82
C GLN B 127 -6.50 -31.06 19.45
N ALA B 128 -5.93 -32.27 19.36
CA ALA B 128 -5.49 -32.84 18.08
C ALA B 128 -6.69 -33.44 17.40
N ASP B 129 -6.78 -33.25 16.08
CA ASP B 129 -7.83 -33.82 15.26
C ASP B 129 -7.27 -34.97 14.44
N THR B 130 -5.95 -35.12 14.46
CA THR B 130 -5.27 -36.21 13.78
C THR B 130 -5.04 -37.37 14.70
N GLN B 131 -4.96 -38.56 14.09
CA GLN B 131 -4.73 -39.86 14.73
C GLN B 131 -3.24 -40.24 14.67
N VAL B 132 -2.45 -39.57 13.82
CA VAL B 132 -1.02 -39.84 13.66
C VAL B 132 -0.28 -39.29 14.85
N THR B 133 0.60 -40.10 15.46
CA THR B 133 1.49 -39.72 16.57
C THR B 133 2.59 -38.75 16.09
N SER B 134 2.70 -37.49 16.69
CA SER B 134 3.82 -36.66 16.32
C SER B 134 4.21 -35.64 17.33
N GLY B 135 5.51 -35.40 17.34
CA GLY B 135 6.13 -34.35 18.12
C GLY B 135 5.60 -33.03 17.68
N VAL B 136 5.31 -32.86 16.37
CA VAL B 136 4.79 -31.60 15.80
C VAL B 136 3.45 -31.23 16.41
N VAL B 137 2.54 -32.21 16.47
CA VAL B 137 1.20 -31.98 17.01
C VAL B 137 1.28 -31.64 18.50
N THR B 138 2.01 -32.46 19.26
CA THR B 138 2.20 -32.27 20.71
C THR B 138 2.78 -30.86 20.98
N PHE B 139 3.84 -30.47 20.25
CA PHE B 139 4.49 -29.18 20.43
C PHE B 139 3.55 -28.01 20.13
N THR B 140 2.86 -28.08 18.98
CA THR B 140 1.92 -27.04 18.56
C THR B 140 0.84 -26.86 19.65
N LEU B 141 0.28 -27.98 20.15
CA LEU B 141 -0.75 -27.90 21.19
C LEU B 141 -0.22 -27.33 22.48
N GLN B 142 1.00 -27.64 22.84
CA GLN B 142 1.67 -27.16 24.06
C GLN B 142 1.72 -25.66 24.00
N GLN B 143 2.14 -25.11 22.86
CA GLN B 143 2.21 -23.67 22.61
C GLN B 143 0.85 -22.98 22.62
N LEU B 144 -0.11 -23.52 21.85
CA LEU B 144 -1.48 -22.98 21.81
C LEU B 144 -2.17 -23.00 23.18
N ASN B 145 -1.91 -24.03 23.98
CA ASN B 145 -2.54 -24.14 25.31
C ASN B 145 -1.76 -23.45 26.42
N ALA B 146 -0.64 -22.79 26.09
CA ALA B 146 0.23 -22.16 27.10
C ALA B 146 -0.07 -20.70 27.42
N TYR B 147 -0.75 -19.99 26.52
CA TYR B 147 -0.95 -18.56 26.64
C TYR B 147 -2.39 -18.09 26.69
N ASN B 148 -2.62 -16.99 27.40
CA ASN B 148 -3.93 -16.34 27.48
C ASN B 148 -4.43 -15.93 26.11
N ARG B 149 -3.49 -15.50 25.27
CA ARG B 149 -3.74 -15.02 23.91
C ARG B 149 -4.41 -16.06 23.02
N THR B 150 -3.84 -17.27 23.02
CA THR B 150 -4.29 -18.37 22.17
C THR B 150 -5.43 -19.15 22.78
N ARG B 151 -5.76 -18.85 24.03
CA ARG B 151 -6.84 -19.53 24.74
C ARG B 151 -8.03 -18.60 24.97
N TYR B 152 -7.92 -17.74 25.99
CA TYR B 152 -9.00 -16.84 26.39
C TYR B 152 -9.32 -15.68 25.45
N GLU B 153 -8.29 -15.02 24.92
CA GLU B 153 -8.50 -13.93 23.98
C GLU B 153 -9.12 -14.47 22.68
N LEU B 154 -8.66 -15.66 22.26
CA LEU B 154 -9.20 -16.34 21.07
C LEU B 154 -10.68 -16.71 21.31
N ARG B 155 -11.00 -17.26 22.49
CA ARG B 155 -12.40 -17.61 22.81
C ARG B 155 -13.27 -16.36 22.77
N GLU B 156 -12.77 -15.23 23.32
CA GLU B 156 -13.47 -13.95 23.33
C GLU B 156 -13.67 -13.42 21.90
N PHE B 157 -12.71 -13.66 21.00
CA PHE B 157 -12.88 -13.24 19.61
C PHE B 157 -14.08 -13.99 19.03
N LEU B 158 -14.16 -15.28 19.28
CA LEU B 158 -15.24 -16.11 18.73
C LEU B 158 -16.60 -15.91 19.38
N GLU B 159 -16.63 -15.91 20.72
CA GLU B 159 -17.87 -15.83 21.49
C GLU B 159 -18.41 -14.42 21.67
N ASP B 160 -17.53 -13.41 21.63
CA ASP B 160 -17.92 -12.04 21.85
C ASP B 160 -17.83 -11.21 20.59
N THR B 161 -16.61 -11.01 20.04
CA THR B 161 -16.44 -10.19 18.83
C THR B 161 -17.25 -10.68 17.65
N CYS B 162 -17.11 -11.96 17.32
CA CYS B 162 -17.77 -12.60 16.20
C CYS B 162 -19.29 -12.58 16.36
N VAL B 163 -19.78 -12.93 17.56
CA VAL B 163 -21.21 -12.95 17.84
C VAL B 163 -21.83 -11.55 17.72
N GLN B 164 -21.17 -10.54 18.31
CA GLN B 164 -21.64 -9.16 18.23
C GLN B 164 -21.67 -8.66 16.80
N TYR B 165 -20.70 -9.09 15.97
CA TYR B 165 -20.64 -8.72 14.55
C TYR B 165 -21.86 -9.29 13.83
N VAL B 166 -22.22 -10.55 14.11
CA VAL B 166 -23.38 -11.16 13.51
C VAL B 166 -24.66 -10.40 13.92
N GLN B 167 -24.80 -10.12 15.23
CA GLN B 167 -25.99 -9.41 15.75
C GLN B 167 -26.15 -8.03 15.15
N LYS B 168 -25.04 -7.31 14.96
CA LYS B 168 -25.04 -5.94 14.42
C LYS B 168 -25.25 -5.85 12.91
N HIS B 169 -24.52 -6.67 12.11
CA HIS B 169 -24.52 -6.58 10.64
C HIS B 169 -25.53 -7.40 9.87
N ILE B 170 -26.23 -8.34 10.54
CA ILE B 170 -27.30 -9.12 9.91
C ILE B 170 -28.67 -8.48 10.23
N ASN C 36 0.97 29.42 3.04
CA ASN C 36 0.09 30.15 2.13
C ASN C 36 0.82 30.89 0.99
N THR C 37 0.08 31.26 -0.08
CA THR C 37 0.60 32.04 -1.23
C THR C 37 -0.42 32.88 -1.96
N GLU C 38 0.09 33.82 -2.76
CA GLU C 38 -0.65 34.74 -3.61
C GLU C 38 -0.31 34.36 -5.05
N ILE C 39 -1.35 34.04 -5.85
CA ILE C 39 -1.20 33.63 -7.24
C ILE C 39 -2.03 34.60 -8.11
N ASN C 40 -1.33 35.43 -8.92
CA ASN C 40 -2.00 36.34 -9.85
C ASN C 40 -2.15 35.54 -11.14
N VAL C 41 -3.39 35.13 -11.42
CA VAL C 41 -3.78 34.30 -12.56
C VAL C 41 -4.27 35.13 -13.74
N ILE C 42 -3.72 34.85 -14.94
CA ILE C 42 -4.14 35.42 -16.22
C ILE C 42 -5.03 34.39 -16.86
N ASN C 43 -6.30 34.58 -16.64
CA ASN C 43 -7.35 33.69 -17.10
C ASN C 43 -7.96 34.19 -18.41
N SER C 44 -7.83 33.38 -19.48
CA SER C 44 -8.44 33.65 -20.78
C SER C 44 -9.97 33.41 -20.59
N GLY C 45 -10.78 33.69 -21.60
CA GLY C 45 -12.20 33.47 -21.43
C GLY C 45 -12.63 32.01 -21.36
N ASP C 46 -13.94 31.77 -21.49
CA ASP C 46 -14.56 30.46 -21.62
C ASP C 46 -15.45 30.49 -22.86
N LYS C 47 -15.31 31.58 -23.66
CA LYS C 47 -16.07 31.86 -24.88
C LYS C 47 -15.22 31.86 -26.18
N GLU C 48 -15.89 31.79 -27.34
CA GLU C 48 -15.25 31.76 -28.67
C GLU C 48 -14.62 33.07 -29.10
N GLY C 49 -13.36 32.94 -29.54
CA GLY C 49 -12.57 34.03 -30.07
C GLY C 49 -11.11 33.64 -30.21
N TYR C 50 -10.34 34.50 -30.91
CA TYR C 50 -8.90 34.31 -31.05
C TYR C 50 -8.30 34.49 -29.64
N ILE C 51 -7.33 33.60 -29.26
CA ILE C 51 -6.65 33.69 -27.95
C ILE C 51 -5.98 35.06 -27.72
N PHE C 52 -5.36 35.66 -28.79
CA PHE C 52 -4.75 36.99 -28.69
C PHE C 52 -5.81 38.00 -28.29
N GLU C 53 -6.96 38.03 -29.01
CA GLU C 53 -8.09 38.92 -28.74
C GLU C 53 -8.67 38.71 -27.33
N LYS C 54 -8.81 37.45 -26.91
CA LYS C 54 -9.29 37.08 -25.57
C LYS C 54 -8.37 37.66 -24.49
N LEU C 55 -7.03 37.61 -24.72
CA LEU C 55 -5.98 38.09 -23.81
C LEU C 55 -5.42 39.46 -24.21
N SER C 56 -6.15 40.21 -25.07
CA SER C 56 -5.73 41.53 -25.60
C SER C 56 -5.08 42.53 -24.61
N GLU C 57 -5.72 42.72 -23.45
CA GLU C 57 -5.24 43.65 -22.42
C GLU C 57 -3.99 43.15 -21.72
N PHE C 58 -3.74 41.83 -21.73
CA PHE C 58 -2.54 41.22 -21.17
C PHE C 58 -1.37 41.41 -22.16
N CYS C 59 -1.64 41.20 -23.47
CA CYS C 59 -0.67 41.35 -24.54
C CYS C 59 -0.11 42.75 -24.64
N THR C 60 -0.99 43.76 -24.40
CA THR C 60 -0.64 45.19 -24.49
C THR C 60 -0.37 45.86 -23.12
N ASN C 61 -0.16 45.06 -22.05
CA ASN C 61 0.12 45.66 -20.74
C ASN C 61 1.49 45.32 -20.15
N ASN C 69 -6.03 42.76 -16.56
CA ASN C 69 -7.17 42.65 -15.66
C ASN C 69 -7.59 41.20 -15.40
N TYR C 70 -6.65 40.43 -14.89
CA TYR C 70 -7.01 39.15 -14.40
C TYR C 70 -6.50 38.81 -13.02
N GLU C 71 -7.32 37.95 -12.48
CA GLU C 71 -7.50 37.40 -11.14
C GLU C 71 -6.38 37.19 -10.10
N GLN C 72 -6.56 37.83 -8.92
CA GLN C 72 -5.69 37.70 -7.74
C GLN C 72 -6.25 36.65 -6.76
N TRP C 73 -5.53 35.52 -6.63
CA TRP C 73 -5.87 34.44 -5.73
C TRP C 73 -4.98 34.43 -4.50
N LYS C 74 -5.49 33.81 -3.42
CA LYS C 74 -4.80 33.58 -2.14
C LYS C 74 -5.15 32.16 -1.71
N CYS C 75 -4.15 31.25 -1.69
CA CYS C 75 -4.38 29.85 -1.31
C CYS C 75 -3.70 29.49 0.00
N TYR C 76 -4.32 28.55 0.74
CA TYR C 76 -3.86 28.06 2.03
C TYR C 76 -3.82 26.52 1.99
N TYR C 77 -2.71 25.92 2.45
CA TYR C 77 -2.55 24.47 2.43
C TYR C 77 -1.90 23.91 3.68
N ASP C 78 -2.42 22.76 4.13
CA ASP C 78 -1.96 21.99 5.29
C ASP C 78 -2.09 20.49 4.93
N ASN C 79 -1.15 19.69 5.46
CA ASN C 79 -1.03 18.24 5.32
C ASN C 79 -2.30 17.48 5.78
N LYS C 80 -2.54 17.38 7.10
CA LYS C 80 -3.71 16.65 7.62
C LYS C 80 -5.04 17.39 7.59
N LYS C 81 -5.01 18.74 7.52
CA LYS C 81 -6.24 19.53 7.42
C LYS C 81 -6.86 19.38 6.04
N ASN C 82 -8.17 19.12 6.01
CA ASN C 82 -8.93 18.94 4.77
C ASN C 82 -9.55 20.28 4.32
N ASN C 83 -9.63 21.26 5.26
CA ASN C 83 -10.17 22.63 5.07
C ASN C 83 -9.29 23.55 4.16
N ASN C 84 -8.49 22.98 3.22
CA ASN C 84 -7.60 23.72 2.31
C ASN C 84 -8.40 24.52 1.28
N LYS C 85 -8.42 25.86 1.44
CA LYS C 85 -9.22 26.77 0.64
C LYS C 85 -8.43 27.86 -0.09
N CYS C 86 -9.01 28.36 -1.19
CA CYS C 86 -8.47 29.45 -2.00
C CYS C 86 -9.45 30.61 -2.05
N LYS C 87 -8.95 31.85 -2.02
CA LYS C 87 -9.78 33.06 -2.03
C LYS C 87 -9.46 33.94 -3.23
N MET C 88 -10.51 34.34 -3.96
CA MET C 88 -10.43 35.18 -5.16
C MET C 88 -10.75 36.64 -4.80
N GLU C 89 -9.74 37.52 -4.83
CA GLU C 89 -10.05 38.93 -4.56
C GLU C 89 -10.31 39.84 -5.76
N ILE C 90 -11.04 40.95 -5.46
CA ILE C 90 -11.58 42.08 -6.24
C ILE C 90 -13.11 42.11 -6.18
N LYS C 98 -17.68 40.59 -7.73
CA LYS C 98 -18.02 39.22 -7.39
C LYS C 98 -16.78 38.35 -7.08
N ASN C 99 -16.32 38.36 -5.80
CA ASN C 99 -15.15 37.63 -5.30
C ASN C 99 -15.55 36.25 -4.72
N LYS C 100 -14.78 35.19 -5.05
CA LYS C 100 -15.13 33.83 -4.62
C LYS C 100 -14.18 33.08 -3.68
N VAL C 101 -14.72 32.07 -2.99
CA VAL C 101 -13.96 31.16 -2.11
C VAL C 101 -14.18 29.74 -2.62
N THR C 102 -13.11 29.09 -3.06
CA THR C 102 -13.18 27.72 -3.56
C THR C 102 -12.30 26.85 -2.67
N SER C 103 -12.28 25.54 -2.93
CA SER C 103 -11.37 24.61 -2.26
C SER C 103 -10.07 24.66 -3.05
N PHE C 104 -8.95 24.18 -2.48
CA PHE C 104 -7.69 24.17 -3.22
C PHE C 104 -7.82 23.30 -4.48
N ASP C 105 -8.41 22.10 -4.32
CA ASP C 105 -8.68 21.12 -5.37
C ASP C 105 -9.49 21.71 -6.53
N GLU C 106 -10.47 22.58 -6.24
CA GLU C 106 -11.28 23.23 -7.26
C GLU C 106 -10.41 24.21 -8.05
N PHE C 107 -9.60 25.03 -7.34
CA PHE C 107 -8.71 26.03 -7.93
C PHE C 107 -7.66 25.35 -8.81
N PHE C 108 -6.99 24.33 -8.24
CA PHE C 108 -5.96 23.59 -8.92
C PHE C 108 -6.47 22.88 -10.20
N ASP C 109 -7.67 22.27 -10.15
CA ASP C 109 -8.32 21.62 -11.29
C ASP C 109 -8.61 22.67 -12.37
N PHE C 110 -9.09 23.84 -11.98
CA PHE C 110 -9.36 24.94 -12.91
C PHE C 110 -8.05 25.40 -13.58
N TRP C 111 -6.99 25.57 -12.77
CA TRP C 111 -5.71 26.05 -13.23
C TRP C 111 -5.07 25.12 -14.25
N VAL C 112 -5.08 23.79 -13.96
CA VAL C 112 -4.50 22.79 -14.85
C VAL C 112 -5.33 22.66 -16.12
N ARG C 113 -6.66 22.50 -15.97
CA ARG C 113 -7.63 22.42 -17.07
C ARG C 113 -7.48 23.62 -18.04
N LYS C 114 -7.38 24.86 -17.50
CA LYS C 114 -7.20 26.06 -18.32
C LYS C 114 -5.83 26.15 -18.95
N LEU C 115 -4.77 25.67 -18.24
CA LEU C 115 -3.41 25.66 -18.80
C LEU C 115 -3.38 24.78 -20.05
N LEU C 116 -4.03 23.60 -19.96
CA LEU C 116 -4.12 22.64 -21.05
C LEU C 116 -4.96 23.16 -22.22
N ILE C 117 -6.12 23.79 -21.94
CA ILE C 117 -7.01 24.37 -22.96
C ILE C 117 -6.28 25.51 -23.70
N ASP C 118 -5.66 26.46 -22.97
CA ASP C 118 -4.94 27.59 -23.56
C ASP C 118 -3.73 27.16 -24.41
N THR C 119 -2.99 26.11 -23.95
CA THR C 119 -1.84 25.55 -24.68
C THR C 119 -2.29 25.13 -26.07
N ILE C 120 -3.39 24.34 -26.16
CA ILE C 120 -3.98 23.85 -27.42
C ILE C 120 -4.46 25.02 -28.31
N LYS C 121 -5.17 25.99 -27.73
CA LYS C 121 -5.67 27.19 -28.39
C LYS C 121 -4.52 28.02 -28.99
N TRP C 122 -3.47 28.29 -28.18
CA TRP C 122 -2.27 29.02 -28.60
C TRP C 122 -1.54 28.29 -29.70
N GLU C 123 -1.35 26.96 -29.54
CA GLU C 123 -0.61 26.12 -30.49
C GLU C 123 -1.26 26.08 -31.85
N THR C 124 -2.61 25.99 -31.90
CA THR C 124 -3.35 25.97 -33.16
C THR C 124 -3.30 27.33 -33.85
N GLU C 125 -3.28 28.43 -33.07
CA GLU C 125 -3.17 29.78 -33.61
C GLU C 125 -1.75 30.03 -34.15
N LEU C 126 -0.72 29.58 -33.39
CA LEU C 126 0.67 29.71 -33.82
C LEU C 126 1.12 28.71 -34.89
N THR C 127 0.44 27.55 -35.06
CA THR C 127 0.76 26.58 -36.12
C THR C 127 0.27 27.14 -37.45
N TYR C 128 -0.90 27.83 -37.42
CA TYR C 128 -1.53 28.50 -38.56
C TYR C 128 -0.49 29.41 -39.18
N CYS C 129 0.29 30.18 -38.36
CA CYS C 129 1.30 30.97 -39.06
C CYS C 129 2.77 30.60 -39.05
N ILE C 130 3.08 29.33 -38.72
CA ILE C 130 4.47 28.85 -38.81
C ILE C 130 4.64 28.18 -40.17
N CYS C 138 3.64 37.97 -42.09
CA CYS C 138 2.43 38.33 -41.36
C CYS C 138 2.74 39.13 -40.09
N ASN C 139 2.04 40.28 -39.93
CA ASN C 139 2.19 41.20 -38.80
C ASN C 139 1.60 40.81 -37.45
N LYS C 140 0.34 40.31 -37.33
CA LYS C 140 -0.22 39.90 -36.02
C LYS C 140 0.44 38.62 -35.53
N CYS C 141 0.95 37.80 -36.48
CA CYS C 141 1.67 36.55 -36.23
C CYS C 141 2.96 36.76 -35.43
N ASN C 142 3.63 37.90 -35.60
CA ASN C 142 4.81 38.25 -34.82
C ASN C 142 4.34 38.78 -33.45
N LYS C 143 3.22 39.54 -33.42
CA LYS C 143 2.60 40.06 -32.19
C LYS C 143 2.05 38.91 -31.32
N ASN C 144 1.48 37.86 -31.97
CA ASN C 144 0.97 36.65 -31.34
C ASN C 144 2.10 35.88 -30.69
N CYS C 145 3.26 35.90 -31.34
CA CYS C 145 4.50 35.25 -30.91
C CYS C 145 5.04 35.91 -29.64
N VAL C 146 5.04 37.25 -29.59
CA VAL C 146 5.53 38.02 -28.46
C VAL C 146 4.58 37.81 -27.27
N CYS C 147 3.25 37.84 -27.50
CA CYS C 147 2.29 37.62 -26.42
C CYS C 147 2.35 36.21 -25.85
N PHE C 148 2.59 35.19 -26.72
CA PHE C 148 2.72 33.81 -26.28
C PHE C 148 3.90 33.63 -25.33
N ASP C 149 5.10 34.18 -25.68
CA ASP C 149 6.31 34.13 -24.87
C ASP C 149 6.08 34.81 -23.53
N LYS C 150 5.36 35.94 -23.54
CA LYS C 150 5.00 36.70 -22.35
C LYS C 150 4.10 35.81 -21.48
N TRP C 151 3.12 35.14 -22.12
CA TRP C 151 2.16 34.23 -21.49
C TRP C 151 2.80 32.97 -20.86
N VAL C 152 3.81 32.35 -21.55
CA VAL C 152 4.54 31.17 -21.04
C VAL C 152 5.20 31.57 -19.70
N LYS C 153 5.89 32.73 -19.70
CA LYS C 153 6.58 33.30 -18.53
C LYS C 153 5.58 33.59 -17.38
N GLN C 154 4.39 34.11 -17.72
CA GLN C 154 3.29 34.35 -16.78
C GLN C 154 2.79 33.04 -16.14
N LYS C 155 2.63 31.99 -16.96
CA LYS C 155 2.20 30.67 -16.51
C LYS C 155 3.23 29.97 -15.63
N GLU C 156 4.55 30.17 -15.95
CA GLU C 156 5.68 29.65 -15.16
C GLU C 156 5.68 30.31 -13.76
N ASP C 157 5.36 31.62 -13.69
CA ASP C 157 5.28 32.36 -12.42
C ASP C 157 4.11 31.85 -11.57
N GLU C 158 2.95 31.65 -12.22
CA GLU C 158 1.73 31.11 -11.60
C GLU C 158 2.03 29.74 -10.98
N TRP C 159 2.72 28.87 -11.75
CA TRP C 159 3.09 27.53 -11.30
C TRP C 159 4.02 27.54 -10.10
N THR C 160 5.08 28.38 -10.13
CA THR C 160 6.06 28.49 -9.03
C THR C 160 5.44 29.02 -7.74
N ASN C 161 4.46 29.94 -7.86
CA ASN C 161 3.72 30.52 -6.72
C ASN C 161 2.85 29.44 -6.09
N ILE C 162 2.20 28.57 -6.92
CA ILE C 162 1.36 27.44 -6.50
C ILE C 162 2.23 26.43 -5.76
N MET C 163 3.45 26.17 -6.29
CA MET C 163 4.42 25.24 -5.73
C MET C 163 4.94 25.64 -4.36
N LYS C 164 4.91 26.94 -4.03
CA LYS C 164 5.33 27.47 -2.72
C LYS C 164 4.51 26.88 -1.56
N LEU C 165 3.30 26.36 -1.86
CA LEU C 165 2.39 25.72 -0.90
C LEU C 165 2.95 24.37 -0.43
N PHE C 166 3.97 23.84 -1.14
CA PHE C 166 4.57 22.54 -0.86
C PHE C 166 5.98 22.54 -0.27
N THR C 167 7.03 23.04 -0.98
CA THR C 167 8.43 23.08 -0.49
C THR C 167 9.03 21.70 -0.10
N ASN C 168 8.63 20.64 -0.83
CA ASN C 168 9.12 19.27 -0.64
C ASN C 168 9.01 18.48 -1.94
N LYS C 169 10.03 17.63 -2.21
CA LYS C 169 10.06 16.83 -3.43
C LYS C 169 9.23 15.56 -3.36
N HIS C 170 9.52 14.68 -2.37
CA HIS C 170 8.77 13.42 -2.17
C HIS C 170 7.36 13.74 -1.64
N ASP C 171 7.25 14.80 -0.83
CA ASP C 171 6.01 15.22 -0.18
C ASP C 171 5.06 16.14 -0.97
N ILE C 172 5.13 16.11 -2.33
CA ILE C 172 4.18 16.84 -3.20
C ILE C 172 3.17 15.76 -3.60
N PRO C 173 1.90 15.82 -3.09
CA PRO C 173 0.94 14.74 -3.37
C PRO C 173 0.82 14.33 -4.83
N LYS C 174 0.73 13.00 -5.09
CA LYS C 174 0.59 12.43 -6.45
C LYS C 174 -0.58 13.10 -7.19
N LYS C 175 -1.65 13.45 -6.44
CA LYS C 175 -2.86 14.12 -6.90
C LYS C 175 -2.56 15.40 -7.71
N TYR C 176 -1.54 16.20 -7.29
CA TYR C 176 -1.16 17.48 -7.91
C TYR C 176 0.11 17.42 -8.76
N TYR C 177 0.70 16.21 -8.89
CA TYR C 177 1.96 16.02 -9.61
C TYR C 177 1.86 14.75 -10.46
N LEU C 178 0.89 14.73 -11.37
CA LEU C 178 0.65 13.56 -12.22
C LEU C 178 1.63 13.44 -13.39
N ASN C 179 1.89 12.19 -13.83
CA ASN C 179 2.72 11.93 -15.01
C ASN C 179 1.88 12.16 -16.28
N ILE C 180 2.51 12.12 -17.49
CA ILE C 180 1.86 12.33 -18.79
C ILE C 180 0.62 11.48 -18.96
N ASN C 181 0.74 10.15 -18.74
CA ASN C 181 -0.37 9.21 -18.90
C ASN C 181 -1.55 9.55 -18.02
N ASP C 182 -1.30 9.78 -16.71
CA ASP C 182 -2.33 10.11 -15.71
C ASP C 182 -3.03 11.42 -16.03
N LEU C 183 -2.27 12.49 -16.29
CA LEU C 183 -2.75 13.82 -16.65
C LEU C 183 -3.64 13.76 -17.90
N PHE C 184 -3.18 13.06 -18.94
CA PHE C 184 -3.93 12.89 -20.18
C PHE C 184 -5.20 12.06 -20.05
N ASP C 185 -5.26 11.18 -19.01
CA ASP C 185 -6.44 10.38 -18.69
C ASP C 185 -7.41 11.24 -17.87
N SER C 186 -6.92 11.84 -16.76
CA SER C 186 -7.66 12.69 -15.83
C SER C 186 -8.43 13.86 -16.46
N PHE C 187 -7.80 14.52 -17.46
CA PHE C 187 -8.32 15.72 -18.13
C PHE C 187 -8.81 15.50 -19.56
N PHE C 188 -8.96 14.22 -19.97
CA PHE C 188 -9.46 13.84 -21.28
C PHE C 188 -10.77 14.58 -21.57
N PHE C 189 -11.87 14.25 -20.86
CA PHE C 189 -13.20 14.87 -21.03
C PHE C 189 -13.27 16.38 -20.90
N GLN C 190 -12.64 16.95 -19.86
CA GLN C 190 -12.62 18.40 -19.61
C GLN C 190 -12.02 19.27 -20.72
N VAL C 191 -10.84 18.90 -21.23
CA VAL C 191 -10.12 19.65 -22.26
C VAL C 191 -10.72 19.40 -23.64
N ILE C 192 -10.96 18.12 -23.98
CA ILE C 192 -11.57 17.65 -25.24
C ILE C 192 -12.88 18.34 -25.60
N TYR C 193 -13.70 18.68 -24.58
CA TYR C 193 -15.03 19.31 -24.66
C TYR C 193 -15.01 20.60 -25.45
N LYS C 194 -13.99 21.39 -25.21
CA LYS C 194 -13.85 22.72 -25.78
C LYS C 194 -13.68 22.75 -27.28
N PHE C 195 -12.95 21.78 -27.80
CA PHE C 195 -12.52 21.75 -29.18
C PHE C 195 -13.23 20.88 -30.18
N ASN C 196 -13.32 21.41 -31.41
CA ASN C 196 -13.73 20.67 -32.58
C ASN C 196 -12.43 19.88 -32.86
N GLU C 197 -12.54 18.56 -33.10
CA GLU C 197 -11.37 17.69 -33.32
C GLU C 197 -10.46 17.71 -32.07
N GLY C 198 -11.12 17.76 -30.92
CA GLY C 198 -10.49 17.77 -29.61
C GLY C 198 -9.74 16.51 -29.27
N GLU C 199 -10.28 15.35 -29.65
CA GLU C 199 -9.69 14.03 -29.40
C GLU C 199 -8.31 13.90 -30.04
N ALA C 200 -8.17 14.45 -31.27
CA ALA C 200 -6.95 14.44 -32.07
C ALA C 200 -5.91 15.43 -31.57
N LYS C 201 -6.36 16.63 -31.13
CA LYS C 201 -5.47 17.67 -30.60
C LYS C 201 -4.85 17.22 -29.27
N TRP C 202 -5.64 16.48 -28.47
CA TRP C 202 -5.24 15.91 -27.18
C TRP C 202 -4.22 14.80 -27.41
N ASN C 203 -4.43 13.92 -28.41
CA ASN C 203 -3.48 12.85 -28.72
C ASN C 203 -2.19 13.43 -29.26
N GLU C 204 -2.27 14.51 -30.07
CA GLU C 204 -1.13 15.20 -30.64
C GLU C 204 -0.29 15.80 -29.51
N LEU C 205 -0.96 16.43 -28.51
CA LEU C 205 -0.32 17.02 -27.32
C LEU C 205 0.41 15.94 -26.51
N LYS C 206 -0.26 14.81 -26.21
CA LYS C 206 0.33 13.69 -25.47
C LYS C 206 1.60 13.17 -26.15
N GLU C 207 1.54 12.93 -27.49
CA GLU C 207 2.68 12.43 -28.26
C GLU C 207 3.85 13.41 -28.25
N ASN C 208 3.54 14.72 -28.33
CA ASN C 208 4.52 15.80 -28.29
C ASN C 208 5.19 15.95 -26.91
N LEU C 209 4.45 15.63 -25.83
CA LEU C 209 5.01 15.65 -24.48
C LEU C 209 5.90 14.41 -24.32
N LYS C 210 5.47 13.28 -24.92
CA LYS C 210 6.20 12.01 -24.93
C LYS C 210 7.53 12.13 -25.67
N LYS C 211 7.57 12.96 -26.75
CA LYS C 211 8.76 13.29 -27.54
C LYS C 211 9.71 14.17 -26.72
N GLN C 212 9.15 15.14 -25.95
CA GLN C 212 9.90 16.05 -25.07
C GLN C 212 10.63 15.26 -23.98
N ILE C 213 9.92 14.34 -23.29
CA ILE C 213 10.53 13.52 -22.25
C ILE C 213 11.60 12.56 -22.79
N ALA C 214 11.41 12.06 -24.03
CA ALA C 214 12.36 11.19 -24.71
C ALA C 214 13.65 11.95 -25.05
N SER C 215 13.53 13.20 -25.55
CA SER C 215 14.68 14.05 -25.89
C SER C 215 15.48 14.57 -24.69
N SER C 216 14.79 14.78 -23.55
CA SER C 216 15.43 15.24 -22.31
C SER C 216 16.00 14.05 -21.52
N LYS C 217 15.16 13.22 -20.83
CA LYS C 217 15.64 12.02 -20.13
C LYS C 217 14.52 10.99 -19.90
N SER C 225 6.84 8.63 -15.18
CA SER C 225 8.01 8.82 -14.32
C SER C 225 8.04 10.22 -13.69
N GLU C 226 8.07 11.30 -14.53
CA GLU C 226 8.10 12.68 -14.03
C GLU C 226 6.94 13.56 -14.46
N ALA C 227 6.66 14.62 -13.68
CA ALA C 227 5.51 15.49 -13.78
C ALA C 227 5.22 16.03 -15.14
N ALA C 228 3.98 15.81 -15.62
CA ALA C 228 3.48 16.25 -16.92
C ALA C 228 3.55 17.76 -17.13
N ILE C 229 3.35 18.57 -16.05
CA ILE C 229 3.37 20.04 -16.10
C ILE C 229 4.78 20.57 -16.46
N LYS C 230 5.83 19.92 -15.94
CA LYS C 230 7.19 20.31 -16.27
C LYS C 230 7.53 19.96 -17.71
N VAL C 231 7.01 18.84 -18.22
CA VAL C 231 7.20 18.43 -19.61
C VAL C 231 6.42 19.43 -20.49
N LEU C 232 5.19 19.81 -20.07
CA LEU C 232 4.35 20.77 -20.76
C LEU C 232 5.03 22.14 -20.86
N PHE C 233 5.65 22.63 -19.76
CA PHE C 233 6.39 23.89 -19.76
C PHE C 233 7.53 23.85 -20.77
N ASN C 234 8.26 22.71 -20.84
CA ASN C 234 9.33 22.51 -21.81
C ASN C 234 8.81 22.57 -23.25
N HIS C 235 7.62 21.97 -23.52
CA HIS C 235 6.97 21.97 -24.82
C HIS C 235 6.58 23.40 -25.23
N ILE C 236 5.92 24.14 -24.32
CA ILE C 236 5.50 25.52 -24.60
C ILE C 236 6.65 26.52 -24.74
N LYS C 237 7.73 26.34 -23.94
CA LYS C 237 8.96 27.13 -24.01
C LYS C 237 9.65 26.91 -25.37
N GLU C 238 9.59 25.66 -25.90
CA GLU C 238 10.14 25.28 -27.20
C GLU C 238 9.36 25.95 -28.34
N ILE C 239 8.00 25.97 -28.25
CA ILE C 239 7.10 26.59 -29.23
C ILE C 239 7.45 28.07 -29.34
N ALA C 240 7.67 28.76 -28.20
CA ALA C 240 8.04 30.18 -28.15
C ALA C 240 9.44 30.41 -28.72
N THR C 241 10.37 29.45 -28.54
CA THR C 241 11.73 29.53 -29.08
C THR C 241 11.68 29.47 -30.62
N ILE C 242 10.99 28.44 -31.19
CA ILE C 242 10.79 28.22 -32.64
C ILE C 242 10.14 29.45 -33.25
N CYS C 243 9.12 29.94 -32.56
CA CYS C 243 8.28 31.10 -32.82
C CYS C 243 9.10 32.40 -32.94
N LYS C 244 9.93 32.70 -31.91
CA LYS C 244 10.80 33.89 -31.85
C LYS C 244 11.86 33.86 -32.95
N ASP C 245 12.49 32.69 -33.16
CA ASP C 245 13.53 32.49 -34.17
C ASP C 245 12.99 32.72 -35.58
N ASN C 246 11.75 32.30 -35.82
CA ASN C 246 11.08 32.46 -37.11
C ASN C 246 10.71 33.90 -37.35
N ASN C 247 10.42 34.70 -36.29
CA ASN C 247 10.04 36.08 -36.54
C ASN C 247 11.14 37.03 -37.01
N THR C 248 12.38 36.51 -37.15
CA THR C 248 13.55 37.21 -37.71
C THR C 248 13.33 37.54 -39.22
N ASN C 249 12.95 36.55 -40.06
CA ASN C 249 12.71 36.68 -41.50
C ASN C 249 11.34 37.22 -41.85
N GLN D 2 -19.50 -18.93 -20.32
CA GLN D 2 -20.60 -18.29 -19.59
C GLN D 2 -20.54 -16.75 -19.52
N ARG D 3 -20.08 -16.15 -18.41
CA ARG D 3 -20.13 -14.68 -18.28
C ARG D 3 -19.04 -14.05 -17.43
N LEU D 4 -18.81 -12.75 -17.65
CA LEU D 4 -17.91 -11.95 -16.83
C LEU D 4 -18.69 -10.71 -16.52
N HIS D 5 -18.94 -10.49 -15.24
CA HIS D 5 -19.65 -9.29 -14.78
C HIS D 5 -18.65 -8.39 -14.08
N MET D 6 -18.85 -7.08 -14.11
CA MET D 6 -17.96 -6.15 -13.41
C MET D 6 -18.83 -5.10 -12.78
N LEU D 7 -18.56 -4.79 -11.51
CA LEU D 7 -19.36 -3.80 -10.79
C LEU D 7 -18.44 -2.76 -10.20
N GLN D 8 -18.79 -1.50 -10.36
CA GLN D 8 -18.01 -0.40 -9.81
C GLN D 8 -18.95 0.56 -9.12
N ILE D 9 -18.70 0.84 -7.83
CA ILE D 9 -19.47 1.82 -7.07
C ILE D 9 -18.49 2.91 -6.78
N SER D 10 -18.90 4.14 -7.08
CA SER D 10 -18.06 5.31 -6.89
C SER D 10 -18.79 6.28 -5.96
N TYR D 11 -18.23 6.50 -4.77
CA TYR D 11 -18.79 7.40 -3.77
C TYR D 11 -18.07 8.75 -3.86
N PHE D 12 -18.79 9.77 -4.32
CA PHE D 12 -18.21 11.10 -4.47
C PHE D 12 -18.60 11.98 -3.30
N ARG D 13 -17.63 12.39 -2.46
CA ARG D 13 -17.95 13.30 -1.36
C ARG D 13 -18.17 14.71 -1.90
N ASP D 14 -17.39 15.03 -2.91
CA ASP D 14 -17.42 16.27 -3.65
C ASP D 14 -16.87 15.95 -5.08
N PRO D 15 -16.81 16.93 -6.01
CA PRO D 15 -16.27 16.63 -7.36
C PRO D 15 -14.84 16.07 -7.44
N TYR D 16 -13.98 16.43 -6.48
CA TYR D 16 -12.57 16.12 -6.48
C TYR D 16 -12.10 14.90 -5.67
N HIS D 17 -12.99 14.30 -4.87
CA HIS D 17 -12.62 13.12 -4.08
C HIS D 17 -13.60 11.99 -4.31
N VAL D 18 -13.10 10.80 -4.59
CA VAL D 18 -13.95 9.63 -4.82
C VAL D 18 -13.37 8.40 -4.19
N TRP D 19 -14.24 7.56 -3.62
CA TRP D 19 -13.88 6.28 -3.08
C TRP D 19 -14.50 5.25 -4.00
N TYR D 20 -13.67 4.37 -4.56
CA TYR D 20 -14.13 3.30 -5.43
C TYR D 20 -14.23 1.97 -4.66
N GLN D 21 -15.24 1.17 -4.98
CA GLN D 21 -15.47 -0.16 -4.41
C GLN D 21 -16.06 -0.95 -5.57
N GLY D 22 -15.40 -2.02 -5.96
CA GLY D 22 -15.89 -2.83 -7.05
C GLY D 22 -15.41 -4.25 -6.99
N ASN D 23 -15.89 -5.05 -7.93
CA ASN D 23 -15.53 -6.46 -8.00
C ASN D 23 -15.91 -7.02 -9.38
N ALA D 24 -15.43 -8.22 -9.69
CA ALA D 24 -15.76 -8.89 -10.94
C ALA D 24 -15.93 -10.37 -10.66
N SER D 25 -16.79 -11.04 -11.44
CA SER D 25 -17.08 -12.47 -11.27
C SER D 25 -17.14 -13.16 -12.60
N LEU D 26 -16.55 -14.37 -12.65
CA LEU D 26 -16.58 -15.23 -13.83
C LEU D 26 -17.51 -16.36 -13.45
N GLY D 27 -18.62 -16.44 -14.15
CA GLY D 27 -19.64 -17.40 -13.80
C GLY D 27 -20.18 -17.03 -12.44
N GLY D 28 -20.28 -18.02 -11.59
CA GLY D 28 -20.82 -17.79 -10.26
C GLY D 28 -19.88 -17.08 -9.32
N HIS D 29 -18.55 -17.22 -9.53
CA HIS D 29 -17.76 -16.64 -8.48
C HIS D 29 -16.75 -15.57 -8.71
N LEU D 30 -16.53 -14.91 -7.59
CA LEU D 30 -15.72 -13.75 -7.38
C LEU D 30 -14.28 -13.99 -7.78
N THR D 31 -13.80 -13.14 -8.70
CA THR D 31 -12.45 -13.23 -9.25
C THR D 31 -11.58 -12.00 -9.00
N HIS D 32 -12.19 -10.82 -8.87
CA HIS D 32 -11.43 -9.57 -8.71
C HIS D 32 -12.08 -8.64 -7.71
N VAL D 33 -11.28 -7.81 -7.07
CA VAL D 33 -11.74 -6.81 -6.10
C VAL D 33 -10.98 -5.53 -6.39
N LEU D 34 -11.68 -4.39 -6.26
CA LEU D 34 -11.16 -3.06 -6.51
C LEU D 34 -11.61 -2.20 -5.32
N GLU D 35 -10.67 -1.46 -4.71
CA GLU D 35 -11.02 -0.57 -3.60
C GLU D 35 -9.98 0.50 -3.35
N GLY D 36 -10.43 1.70 -3.01
CA GLY D 36 -9.51 2.76 -2.64
C GLY D 36 -9.91 4.12 -3.10
N PRO D 37 -9.17 5.18 -2.62
CA PRO D 37 -9.45 6.55 -3.08
C PRO D 37 -8.99 6.73 -4.52
N ASP D 38 -9.42 7.77 -5.18
CA ASP D 38 -9.08 8.03 -6.58
C ASP D 38 -7.61 8.01 -6.90
N THR D 39 -6.80 8.48 -5.97
CA THR D 39 -5.37 8.52 -6.21
C THR D 39 -4.66 7.20 -5.96
N ASN D 40 -5.23 6.34 -5.09
CA ASN D 40 -4.59 5.08 -4.75
C ASN D 40 -5.60 3.94 -4.68
N THR D 41 -6.06 3.51 -5.85
CA THR D 41 -7.02 2.42 -5.95
C THR D 41 -6.34 1.09 -6.17
N THR D 42 -6.57 0.16 -5.26
CA THR D 42 -6.02 -1.18 -5.32
C THR D 42 -6.92 -2.05 -6.20
N ILE D 43 -6.31 -2.74 -7.16
CA ILE D 43 -7.00 -3.66 -8.07
C ILE D 43 -6.29 -5.02 -7.95
N ILE D 44 -7.05 -6.05 -7.57
CA ILE D 44 -6.50 -7.39 -7.33
C ILE D 44 -7.26 -8.51 -8.07
N GLN D 45 -6.52 -9.51 -8.59
CA GLN D 45 -7.12 -10.73 -9.12
C GLN D 45 -6.90 -11.76 -8.03
N LEU D 46 -7.98 -12.22 -7.43
CA LEU D 46 -7.96 -13.16 -6.31
C LEU D 46 -7.31 -14.50 -6.64
N GLN D 47 -7.38 -14.89 -7.92
CA GLN D 47 -6.76 -16.09 -8.46
C GLN D 47 -5.83 -15.66 -9.60
N PRO D 48 -4.66 -16.33 -9.77
CA PRO D 48 -3.71 -15.98 -10.84
C PRO D 48 -4.20 -16.27 -12.27
N LEU D 49 -5.35 -15.71 -12.67
CA LEU D 49 -5.90 -15.95 -14.01
C LEU D 49 -5.00 -15.45 -15.12
N GLN D 50 -4.43 -14.25 -14.91
CA GLN D 50 -3.49 -13.66 -15.85
C GLN D 50 -2.07 -13.72 -15.27
N GLU D 51 -1.08 -13.97 -16.15
CA GLU D 51 0.32 -14.01 -15.78
C GLU D 51 0.76 -12.57 -15.36
N PRO D 52 1.88 -12.38 -14.62
CA PRO D 52 2.27 -11.02 -14.18
C PRO D 52 2.26 -9.86 -15.18
N GLU D 53 2.84 -10.05 -16.38
CA GLU D 53 2.90 -9.01 -17.40
C GLU D 53 1.52 -8.62 -17.92
N SER D 54 0.69 -9.63 -18.23
CA SER D 54 -0.67 -9.45 -18.75
C SER D 54 -1.57 -8.77 -17.71
N TRP D 55 -1.41 -9.14 -16.42
CA TRP D 55 -2.18 -8.54 -15.33
C TRP D 55 -1.80 -7.07 -15.16
N ALA D 56 -0.51 -6.75 -15.27
CA ALA D 56 0.00 -5.39 -15.16
C ALA D 56 -0.62 -4.51 -16.26
N ARG D 57 -0.77 -5.08 -17.48
CA ARG D 57 -1.38 -4.36 -18.61
C ARG D 57 -2.86 -4.08 -18.32
N THR D 58 -3.57 -5.09 -17.78
CA THR D 58 -4.99 -4.97 -17.41
C THR D 58 -5.17 -3.91 -16.35
N GLN D 59 -4.31 -3.95 -15.31
CA GLN D 59 -4.38 -2.96 -14.22
C GLN D 59 -4.20 -1.55 -14.78
N SER D 60 -3.22 -1.38 -15.70
CA SER D 60 -2.94 -0.10 -16.35
C SER D 60 -4.18 0.46 -17.05
N GLY D 61 -4.89 -0.39 -17.80
CA GLY D 61 -6.09 -0.01 -18.52
C GLY D 61 -7.22 0.39 -17.58
N LEU D 62 -7.33 -0.31 -16.45
CA LEU D 62 -8.37 -0.04 -15.46
C LEU D 62 -8.09 1.25 -14.72
N GLN D 63 -6.83 1.52 -14.45
CA GLN D 63 -6.43 2.75 -13.77
C GLN D 63 -6.69 3.95 -14.67
N SER D 64 -6.43 3.83 -16.00
CA SER D 64 -6.69 4.88 -16.97
C SER D 64 -8.19 5.13 -17.06
N TYR D 65 -8.97 4.05 -17.06
CA TYR D 65 -10.41 4.16 -17.09
C TYR D 65 -10.91 4.99 -15.88
N LEU D 66 -10.41 4.68 -14.66
CA LEU D 66 -10.86 5.37 -13.45
C LEU D 66 -10.58 6.86 -13.52
N LEU D 67 -9.38 7.25 -13.99
CA LEU D 67 -9.03 8.66 -14.13
C LEU D 67 -9.94 9.40 -15.08
N GLN D 68 -10.29 8.75 -16.21
CA GLN D 68 -11.17 9.29 -17.25
C GLN D 68 -12.61 9.41 -16.76
N PHE D 69 -13.09 8.37 -16.05
CA PHE D 69 -14.42 8.31 -15.43
C PHE D 69 -14.57 9.51 -14.48
N HIS D 70 -13.61 9.68 -13.54
CA HIS D 70 -13.62 10.80 -12.61
C HIS D 70 -13.64 12.11 -13.38
N GLY D 71 -12.81 12.22 -14.43
CA GLY D 71 -12.76 13.41 -15.28
C GLY D 71 -14.11 13.77 -15.89
N LEU D 72 -14.85 12.78 -16.37
CA LEU D 72 -16.19 13.01 -16.91
C LEU D 72 -17.15 13.54 -15.83
N VAL D 73 -17.07 12.99 -14.61
CA VAL D 73 -17.94 13.43 -13.53
C VAL D 73 -17.65 14.88 -13.18
N ARG D 74 -16.37 15.22 -13.11
CA ARG D 74 -15.90 16.58 -12.86
C ARG D 74 -16.41 17.52 -13.94
N LEU D 75 -16.35 17.10 -15.20
CA LEU D 75 -16.82 17.91 -16.32
C LEU D 75 -18.33 18.16 -16.23
N VAL D 76 -19.14 17.13 -15.97
CA VAL D 76 -20.60 17.26 -15.86
C VAL D 76 -20.93 18.25 -14.77
N HIS D 77 -20.24 18.14 -13.63
CA HIS D 77 -20.46 19.07 -12.54
C HIS D 77 -20.09 20.50 -12.96
N GLN D 78 -18.91 20.70 -13.55
CA GLN D 78 -18.46 22.04 -13.94
C GLN D 78 -19.34 22.70 -14.96
N GLU D 79 -19.92 21.90 -15.85
CA GLU D 79 -20.77 22.42 -16.92
C GLU D 79 -22.25 22.50 -16.61
N ARG D 80 -22.78 21.56 -15.80
CA ARG D 80 -24.21 21.47 -15.54
C ARG D 80 -24.66 21.47 -14.08
N THR D 81 -23.71 21.30 -13.14
CA THR D 81 -23.90 21.23 -11.68
C THR D 81 -24.54 19.93 -11.22
N LEU D 82 -23.80 19.18 -10.39
CA LEU D 82 -24.28 17.95 -9.78
C LEU D 82 -24.43 18.20 -8.29
N ALA D 83 -25.40 17.49 -7.64
CA ALA D 83 -25.62 17.62 -6.20
C ALA D 83 -24.81 16.55 -5.48
N PHE D 84 -23.84 16.97 -4.66
CA PHE D 84 -22.98 16.05 -3.91
C PHE D 84 -23.39 16.00 -2.41
N PRO D 85 -23.16 14.88 -1.67
CA PRO D 85 -22.53 13.60 -2.07
C PRO D 85 -23.38 12.81 -3.04
N LEU D 86 -22.76 11.94 -3.77
CA LEU D 86 -23.38 11.26 -4.88
C LEU D 86 -22.71 9.92 -5.06
N THR D 87 -23.48 8.92 -5.46
CA THR D 87 -22.96 7.58 -5.70
C THR D 87 -23.31 7.24 -7.14
N ILE D 88 -22.36 6.63 -7.84
CA ILE D 88 -22.56 6.16 -9.21
C ILE D 88 -22.29 4.66 -9.22
N ARG D 89 -23.14 3.91 -9.89
CA ARG D 89 -22.94 2.48 -10.01
C ARG D 89 -22.84 2.16 -11.49
N CYS D 90 -21.78 1.47 -11.86
CA CYS D 90 -21.56 0.98 -13.21
C CYS D 90 -21.61 -0.53 -13.13
N PHE D 91 -22.48 -1.15 -13.91
CA PHE D 91 -22.63 -2.59 -13.93
C PHE D 91 -22.47 -2.97 -15.40
N LEU D 92 -21.47 -3.79 -15.68
CA LEU D 92 -21.15 -4.12 -17.06
C LEU D 92 -20.68 -5.55 -17.23
N GLY D 93 -20.64 -6.01 -18.46
CA GLY D 93 -20.18 -7.36 -18.70
C GLY D 93 -20.51 -7.93 -20.07
N CYS D 94 -20.24 -9.21 -20.20
CA CYS D 94 -20.48 -9.97 -21.42
C CYS D 94 -20.98 -11.35 -21.04
N GLU D 95 -21.96 -11.84 -21.80
CA GLU D 95 -22.58 -13.13 -21.54
C GLU D 95 -22.62 -13.87 -22.85
N LEU D 96 -22.07 -15.08 -22.86
CA LEU D 96 -21.98 -15.92 -24.04
C LEU D 96 -23.09 -16.99 -24.04
N PRO D 97 -24.12 -16.82 -24.91
CA PRO D 97 -25.24 -17.78 -24.95
C PRO D 97 -24.80 -19.22 -25.22
N PRO D 98 -25.54 -20.21 -24.64
CA PRO D 98 -25.14 -21.62 -24.80
C PRO D 98 -25.28 -22.11 -26.23
N GLU D 99 -26.28 -21.58 -26.94
CA GLU D 99 -26.59 -21.90 -28.32
C GLU D 99 -25.49 -21.56 -29.32
N GLY D 100 -24.79 -20.46 -29.09
CA GLY D 100 -23.67 -20.06 -29.95
C GLY D 100 -23.85 -18.74 -30.66
N SER D 101 -24.97 -18.03 -30.38
CA SER D 101 -25.26 -16.72 -30.95
C SER D 101 -24.28 -15.66 -30.42
N ARG D 102 -24.35 -14.44 -30.98
CA ARG D 102 -23.49 -13.32 -30.58
C ARG D 102 -23.63 -13.02 -29.09
N ALA D 103 -22.50 -12.76 -28.40
CA ALA D 103 -22.46 -12.45 -26.97
C ALA D 103 -23.38 -11.26 -26.66
N HIS D 104 -24.08 -11.34 -25.50
CA HIS D 104 -24.91 -10.22 -25.03
C HIS D 104 -23.99 -9.41 -24.16
N VAL D 105 -23.94 -8.10 -24.38
CA VAL D 105 -23.05 -7.19 -23.66
C VAL D 105 -23.86 -6.03 -23.09
N PHE D 106 -23.38 -5.43 -21.99
CA PHE D 106 -24.07 -4.33 -21.33
C PHE D 106 -23.13 -3.46 -20.52
N PHE D 107 -23.58 -2.24 -20.28
CA PHE D 107 -22.90 -1.26 -19.45
C PHE D 107 -24.01 -0.33 -19.02
N GLU D 108 -24.48 -0.51 -17.77
CA GLU D 108 -25.58 0.28 -17.19
C GLU D 108 -25.07 1.17 -16.05
N VAL D 109 -25.43 2.45 -16.11
CA VAL D 109 -25.01 3.42 -15.10
C VAL D 109 -26.22 3.88 -14.30
N ALA D 110 -26.10 3.85 -12.96
CA ALA D 110 -27.15 4.36 -12.07
C ALA D 110 -26.55 5.46 -11.21
N VAL D 111 -27.34 6.47 -10.86
CA VAL D 111 -26.85 7.55 -9.99
C VAL D 111 -27.78 7.62 -8.77
N ASN D 112 -27.19 7.54 -7.54
CA ASN D 112 -27.94 7.55 -6.29
C ASN D 112 -29.04 6.46 -6.26
N GLY D 113 -28.70 5.28 -6.83
CA GLY D 113 -29.59 4.13 -6.87
C GLY D 113 -30.65 4.13 -7.95
N SER D 114 -30.69 5.16 -8.79
CA SER D 114 -31.69 5.24 -9.86
C SER D 114 -31.05 5.12 -11.23
N SER D 115 -31.68 4.36 -12.14
CA SER D 115 -31.24 4.18 -13.53
C SER D 115 -30.97 5.54 -14.17
N PHE D 116 -29.87 5.63 -14.92
CA PHE D 116 -29.45 6.90 -15.51
C PHE D 116 -29.25 6.77 -17.01
N VAL D 117 -28.16 6.10 -17.42
CA VAL D 117 -27.83 5.88 -18.84
C VAL D 117 -27.33 4.45 -19.02
N SER D 118 -27.41 3.94 -20.25
CA SER D 118 -26.86 2.62 -20.57
C SER D 118 -26.37 2.57 -22.00
N PHE D 119 -25.45 1.65 -22.25
CA PHE D 119 -24.84 1.49 -23.55
C PHE D 119 -25.61 0.53 -24.41
N ARG D 120 -25.73 0.90 -25.67
CA ARG D 120 -26.39 0.09 -26.66
C ARG D 120 -25.29 -0.29 -27.66
N PRO D 121 -24.83 -1.55 -27.66
CA PRO D 121 -23.71 -1.94 -28.53
C PRO D 121 -23.94 -2.01 -30.04
N GLU D 122 -25.17 -2.19 -30.50
CA GLU D 122 -25.47 -2.31 -31.93
C GLU D 122 -24.91 -1.15 -32.78
N ARG D 123 -25.15 0.09 -32.34
CA ARG D 123 -24.67 1.29 -33.02
C ARG D 123 -23.63 2.02 -32.16
N ALA D 124 -23.24 1.39 -31.02
CA ALA D 124 -22.26 1.89 -30.06
C ALA D 124 -22.66 3.30 -29.55
N LEU D 125 -23.89 3.40 -29.05
CA LEU D 125 -24.44 4.66 -28.58
C LEU D 125 -25.01 4.50 -27.20
N TRP D 126 -24.96 5.57 -26.42
CA TRP D 126 -25.52 5.59 -25.07
C TRP D 126 -26.90 6.20 -25.13
N GLN D 127 -27.83 5.71 -24.28
CA GLN D 127 -29.19 6.21 -24.18
C GLN D 127 -29.57 6.47 -22.75
N ALA D 128 -30.59 7.29 -22.51
CA ALA D 128 -31.09 7.56 -21.18
C ALA D 128 -31.97 6.39 -20.75
N ASP D 129 -31.84 5.99 -19.49
CA ASP D 129 -32.67 4.94 -18.89
C ASP D 129 -33.72 5.58 -17.99
N THR D 130 -33.56 6.87 -17.72
CA THR D 130 -34.53 7.61 -16.93
C THR D 130 -35.53 8.28 -17.85
N GLN D 131 -36.73 8.52 -17.33
CA GLN D 131 -37.79 9.20 -18.08
C GLN D 131 -37.81 10.69 -17.70
N VAL D 132 -37.03 11.05 -16.68
CA VAL D 132 -36.90 12.43 -16.23
C VAL D 132 -35.87 13.07 -17.15
N THR D 133 -36.30 13.99 -18.00
CA THR D 133 -35.32 14.65 -18.86
C THR D 133 -34.71 15.80 -18.05
N SER D 134 -33.43 16.05 -18.28
CA SER D 134 -32.63 17.04 -17.57
C SER D 134 -31.46 17.44 -18.41
N GLY D 135 -30.92 18.62 -18.11
CA GLY D 135 -29.72 19.10 -18.75
C GLY D 135 -28.57 18.18 -18.49
N VAL D 136 -28.52 17.60 -17.27
CA VAL D 136 -27.46 16.67 -16.85
C VAL D 136 -27.42 15.41 -17.73
N VAL D 137 -28.59 14.81 -17.96
CA VAL D 137 -28.69 13.60 -18.77
C VAL D 137 -28.28 13.89 -20.21
N THR D 138 -28.87 14.96 -20.80
CA THR D 138 -28.58 15.38 -22.17
C THR D 138 -27.09 15.63 -22.37
N PHE D 139 -26.47 16.38 -21.44
CA PHE D 139 -25.05 16.70 -21.50
C PHE D 139 -24.18 15.47 -21.40
N THR D 140 -24.45 14.59 -20.42
CA THR D 140 -23.69 13.36 -20.23
C THR D 140 -23.75 12.51 -21.50
N LEU D 141 -24.95 12.35 -22.09
CA LEU D 141 -25.10 11.58 -23.32
C LEU D 141 -24.35 12.20 -24.49
N GLN D 142 -24.35 13.54 -24.59
CA GLN D 142 -23.66 14.27 -25.66
C GLN D 142 -22.18 13.89 -25.59
N GLN D 143 -21.61 13.94 -24.38
CA GLN D 143 -20.19 13.60 -24.14
C GLN D 143 -19.87 12.16 -24.46
N LEU D 144 -20.66 11.23 -23.90
CA LEU D 144 -20.47 9.79 -24.14
C LEU D 144 -20.60 9.41 -25.62
N ASN D 145 -21.49 10.06 -26.35
CA ASN D 145 -21.70 9.77 -27.76
C ASN D 145 -20.81 10.57 -28.71
N ALA D 146 -19.91 11.40 -28.18
CA ALA D 146 -19.06 12.26 -28.99
C ALA D 146 -17.71 11.71 -29.39
N TYR D 147 -17.20 10.72 -28.64
CA TYR D 147 -15.85 10.21 -28.80
C TYR D 147 -15.72 8.75 -29.12
N ASN D 148 -14.65 8.41 -29.86
CA ASN D 148 -14.33 7.04 -30.22
C ASN D 148 -14.11 6.18 -28.97
N ARG D 149 -13.51 6.79 -27.96
CA ARG D 149 -13.16 6.17 -26.69
C ARG D 149 -14.37 5.61 -25.96
N THR D 150 -15.40 6.43 -25.83
CA THR D 150 -16.62 6.10 -25.09
C THR D 150 -17.63 5.34 -25.94
N ARG D 151 -17.36 5.20 -27.23
CA ARG D 151 -18.25 4.48 -28.14
C ARG D 151 -17.60 3.18 -28.63
N TYR D 152 -16.70 3.28 -29.60
CA TYR D 152 -16.06 2.13 -30.24
C TYR D 152 -15.05 1.35 -29.40
N GLU D 153 -14.19 2.06 -28.66
CA GLU D 153 -13.22 1.39 -27.80
C GLU D 153 -13.95 0.68 -26.66
N LEU D 154 -15.02 1.31 -26.13
CA LEU D 154 -15.85 0.72 -25.08
C LEU D 154 -16.55 -0.54 -25.63
N ARG D 155 -17.10 -0.47 -26.84
CA ARG D 155 -17.76 -1.64 -27.45
C ARG D 155 -16.76 -2.78 -27.60
N GLU D 156 -15.53 -2.45 -28.04
CA GLU D 156 -14.45 -3.42 -28.21
C GLU D 156 -14.04 -4.04 -26.87
N PHE D 157 -14.07 -3.26 -25.78
CA PHE D 157 -13.76 -3.82 -24.48
C PHE D 157 -14.80 -4.90 -24.14
N LEU D 158 -16.07 -4.61 -24.39
CA LEU D 158 -17.14 -5.54 -24.06
C LEU D 158 -17.26 -6.74 -25.00
N GLU D 159 -17.22 -6.49 -26.31
CA GLU D 159 -17.40 -7.53 -27.32
C GLU D 159 -16.16 -8.34 -27.62
N ASP D 160 -14.99 -7.75 -27.42
CA ASP D 160 -13.74 -8.41 -27.76
C ASP D 160 -12.94 -8.78 -26.51
N THR D 161 -12.48 -7.80 -25.71
CA THR D 161 -11.68 -8.08 -24.52
C THR D 161 -12.38 -8.97 -23.53
N CYS D 162 -13.61 -8.60 -23.16
CA CYS D 162 -14.43 -9.30 -22.18
C CYS D 162 -14.76 -10.71 -22.65
N VAL D 163 -15.19 -10.84 -23.91
CA VAL D 163 -15.54 -12.14 -24.49
C VAL D 163 -14.34 -13.08 -24.53
N GLN D 164 -13.18 -12.59 -24.99
CA GLN D 164 -11.97 -13.39 -25.04
C GLN D 164 -11.53 -13.85 -23.65
N TYR D 165 -11.73 -12.99 -22.64
CA TYR D 165 -11.41 -13.31 -21.25
C TYR D 165 -12.27 -14.47 -20.77
N VAL D 166 -13.56 -14.44 -21.10
CA VAL D 166 -14.49 -15.52 -20.74
C VAL D 166 -14.07 -16.82 -21.44
N GLN D 167 -13.79 -16.76 -22.75
CA GLN D 167 -13.39 -17.95 -23.51
C GLN D 167 -12.11 -18.57 -23.00
N LYS D 168 -11.17 -17.75 -22.47
CA LYS D 168 -9.89 -18.23 -21.94
C LYS D 168 -9.98 -18.95 -20.60
N HIS D 169 -10.73 -18.39 -19.60
CA HIS D 169 -10.79 -18.98 -18.25
C HIS D 169 -11.95 -19.93 -17.90
C1 NAG E . 0.66 -4.38 -0.92
C2 NAG E . 1.63 -3.76 -1.94
C3 NAG E . 0.93 -3.48 -3.27
C4 NAG E . 0.24 -4.74 -3.79
C5 NAG E . -0.73 -5.29 -2.72
C6 NAG E . -1.37 -6.61 -3.06
C7 NAG E . 1.92 -1.45 -1.05
C8 NAG E . 2.92 -0.48 -0.50
N2 NAG E . 2.42 -2.62 -1.50
O3 NAG E . 1.87 -2.99 -4.22
O4 NAG E . -0.43 -4.44 -5.02
O5 NAG E . -0.01 -5.51 -1.49
O6 NAG E . -2.33 -6.49 -4.10
O7 NAG E . 0.72 -1.19 -1.07
C1 NAG E . -0.25 -5.30 -6.18
C2 NAG E . 1.01 -4.93 -6.97
C3 NAG E . 1.04 -5.83 -8.21
C4 NAG E . 1.04 -7.30 -7.79
C5 NAG E . -0.19 -7.61 -6.93
C6 NAG E . -0.15 -8.99 -6.32
C7 NAG E . 2.15 -2.82 -7.63
C8 NAG E . 1.96 -1.38 -7.97
N2 NAG E . 1.03 -3.52 -7.37
O3 NAG E . 2.20 -5.56 -9.00
O4 NAG E . 1.01 -8.13 -8.96
O5 NAG E . -0.23 -6.69 -5.83
O6 NAG E . -1.27 -9.21 -5.47
O7 NAG E . 3.27 -3.34 -7.59
C1 NAG F . 2.67 -30.57 1.70
C2 NAG F . 3.88 -31.29 2.30
C3 NAG F . 5.19 -31.21 1.52
C4 NAG F . 4.98 -31.33 0.00
C5 NAG F . 3.76 -30.56 -0.48
C6 NAG F . 3.38 -30.91 -1.90
C7 NAG F . 3.55 -31.37 4.76
C8 NAG F . 3.88 -30.72 6.07
N2 NAG F . 4.06 -30.79 3.66
O3 NAG F . 6.09 -32.25 1.93
O4 NAG F . 6.15 -30.85 -0.67
O5 NAG F . 2.60 -30.89 0.30
O6 NAG F . 3.45 -29.79 -2.77
O7 NAG F . 2.87 -32.39 4.71
C1 NAG F . 7.37 -31.63 -0.73
C2 NAG F . 8.19 -31.21 -1.96
C3 NAG F . 9.56 -31.90 -1.97
C4 NAG F . 10.29 -31.74 -0.63
C5 NAG F . 9.39 -32.16 0.52
C6 NAG F . 9.98 -31.93 1.90
C7 NAG F . 6.89 -30.57 -3.99
C8 NAG F . 6.34 -31.08 -5.28
N2 NAG F . 7.47 -31.51 -3.19
O3 NAG F . 10.33 -31.37 -3.04
O4 NAG F . 11.46 -32.57 -0.64
O5 NAG F . 8.14 -31.45 0.47
O6 NAG F . 10.12 -30.56 2.21
O7 NAG F . 6.78 -29.39 -3.67
C1 MAN F . 12.76 -31.97 -0.83
C2 MAN F . 13.36 -32.44 -2.16
C3 MAN F . 13.82 -33.89 -2.06
C4 MAN F . 14.73 -34.15 -0.87
C5 MAN F . 14.19 -33.56 0.44
C6 MAN F . 15.26 -33.48 1.51
O2 MAN F . 14.44 -31.62 -2.58
O3 MAN F . 14.50 -34.24 -3.27
O4 MAN F . 14.83 -35.55 -0.69
O5 MAN F . 13.69 -32.22 0.25
O6 MAN F . 14.79 -33.76 2.82
C1 NAG G . -1.50 3.53 -1.16
C2 NAG G . -1.43 3.84 0.32
C3 NAG G . -1.36 2.50 1.06
C4 NAG G . -2.60 1.67 0.70
C5 NAG G . -2.63 1.34 -0.79
C6 NAG G . -3.99 1.58 -1.43
C7 NAG G . -0.38 6.04 0.65
C8 NAG G . 0.78 6.77 1.25
N2 NAG G . -0.32 4.70 0.71
O3 NAG G . -1.30 2.72 2.46
O4 NAG G . -2.75 0.50 1.50
O5 NAG G . -1.66 2.14 -1.51
O6 NAG G . -3.97 1.42 -2.85
O7 NAG G . -1.35 6.64 0.17
C1 NAG G . -4.06 0.23 2.00
C2 NAG G . -4.49 -1.20 1.70
C3 NAG G . -6.00 -1.00 1.81
C4 NAG G . -6.37 -0.74 3.27
C5 NAG G . -5.63 0.49 3.80
C6 NAG G . -5.67 0.61 5.30
C7 NAG G . -3.19 -2.58 0.11
C8 NAG G . -2.74 -2.71 -1.31
N2 NAG G . -4.11 -1.63 0.37
O3 NAG G . -6.72 -2.10 1.28
O4 NAG G . -7.78 -0.57 3.39
O5 NAG G . -4.25 0.44 3.41
O6 NAG G . -4.71 -0.23 5.93
O7 NAG G . -2.73 -3.30 1.01
C1 NAG H . -27.47 11.81 -3.72
C2 NAG H . -27.84 13.26 -4.07
C3 NAG H . -27.31 14.26 -3.03
C4 NAG H . -27.68 13.82 -1.62
C5 NAG H . -27.22 12.39 -1.37
C6 NAG H . -27.63 11.87 -0.02
C7 NAG H . -28.05 13.47 -6.53
C8 NAG H . -27.34 13.80 -7.80
N2 NAG H . -27.34 13.60 -5.40
O3 NAG H . -27.81 15.57 -3.28
O4 NAG H . -27.07 14.72 -0.68
O5 NAG H . -27.79 11.52 -2.36
O6 NAG H . -28.03 10.50 -0.06
O7 NAG H . -29.23 13.09 -6.53
C1 NAG H . -27.91 15.47 0.23
C2 NAG H . -27.12 15.72 1.51
C3 NAG H . -27.85 16.69 2.44
C4 NAG H . -28.28 17.95 1.70
C5 NAG H . -29.09 17.58 0.46
C6 NAG H . -29.48 18.77 -0.39
C7 NAG H . -25.78 14.14 2.87
C8 NAG H . -25.89 12.93 3.74
N2 NAG H . -26.90 14.45 2.18
O3 NAG H . -27.03 17.01 3.56
O4 NAG H . -29.07 18.78 2.55
O5 NAG H . -28.32 16.70 -0.38
O6 NAG H . -28.36 19.31 -1.07
O7 NAG H . -24.77 14.81 2.80
C1 MAN H . -28.51 20.03 3.01
C2 MAN H . -29.00 20.34 4.43
C3 MAN H . -30.36 21.03 4.44
C4 MAN H . -30.40 22.20 3.46
C5 MAN H . -30.02 21.71 2.06
C6 MAN H . -29.97 22.81 1.02
O2 MAN H . -28.03 21.14 5.10
O3 MAN H . -30.69 21.49 5.75
O4 MAN H . -31.70 22.79 3.44
O5 MAN H . -28.71 21.12 2.09
O6 MAN H . -31.25 23.40 0.82
C1 NAG I . -19.81 -7.08 -5.64
C2 NAG I . -20.41 -8.48 -5.83
C3 NAG I . -21.90 -8.39 -5.50
C4 NAG I . -22.11 -7.98 -4.04
C5 NAG I . -21.03 -7.06 -3.48
C6 NAG I . -20.05 -7.74 -2.55
C7 NAG I . -20.63 -8.70 -8.33
C8 NAG I . -20.24 -9.54 -9.51
N2 NAG I . -20.20 -9.14 -7.11
O3 NAG I . -22.52 -9.66 -5.72
O4 NAG I . -23.42 -7.43 -3.86
O5 NAG I . -20.30 -6.36 -4.50
O6 NAG I . -20.68 -8.50 -1.53
O7 NAG I . -21.27 -7.66 -8.47
C1 NAG I . -24.41 -8.23 -3.20
C2 NAG I . -25.48 -7.34 -2.60
C3 NAG I . -26.35 -8.29 -1.75
C4 NAG I . -26.97 -9.37 -2.64
C5 NAG I . -25.90 -10.10 -3.46
C6 NAG I . -26.49 -10.97 -4.56
C7 NAG I . -25.40 -5.06 -1.65
C8 NAG I . -24.66 -4.15 -0.72
N2 NAG I . -24.90 -6.31 -1.75
O3 NAG I . -27.38 -7.57 -1.09
O4 NAG I . -27.67 -10.31 -1.82
O5 NAG I . -25.04 -9.15 -4.11
O6 NAG I . -25.49 -11.52 -5.40
O7 NAG I . -26.39 -4.70 -2.28
C1 PTY J . -5.86 -14.15 19.02
C2 PTY J . -11.47 -9.33 21.06
C3 PTY J . -10.45 -10.48 21.00
O4 PTY J . -4.62 -14.24 18.30
C5 PTY J . -7.76 -12.62 19.36
C6 PTY J . -6.78 -13.16 18.36
O7 PTY J . -7.56 -13.86 17.34
C8 PTY J . -7.81 -13.28 16.14
O10 PTY J . -7.78 -12.09 15.94
C11 PTY J . -8.22 -14.31 15.12
C12 PTY J . -8.46 -13.73 13.74
C13 PTY J . -8.49 -14.79 12.69
C14 PTY J . -9.26 -14.39 11.49
C15 PTY J . -9.03 -15.22 10.28
C16 PTY J . -8.82 -14.36 9.05
C17 PTY J . -9.57 -14.82 7.81
C18 PTY J . -10.70 -13.90 7.41
C19 PTY J . -10.35 -12.93 6.32
C20 PTY J . -11.13 -11.61 6.34
C21 PTY J . -11.36 -10.97 7.70
C22 PTY J . -12.83 -10.79 8.03
C23 PTY J . -13.11 -9.95 9.27
C24 PTY J . -14.32 -10.42 10.07
C25 PTY J . -14.84 -9.41 11.08
C26 PTY J . -15.20 -9.99 12.44
C27 PTY J . -14.67 -9.17 13.60
C28 PTY J . -15.65 -8.14 14.14
C29 PTY J . -15.18 -6.70 14.18
C30 PTY J . -3.97 -15.41 18.30
C31 PTY J . -2.67 -15.33 17.53
O30 PTY J . -4.39 -16.41 18.82
C32 PTY J . -1.94 -16.66 17.39
C33 PTY J . -2.26 -17.41 16.14
C34 PTY J . -2.53 -18.90 16.33
C35 PTY J . -3.45 -19.49 15.27
C36 PTY J . -3.88 -20.91 15.54
C37 PTY J . -3.57 -21.86 14.41
C38 PTY J . -2.24 -22.60 14.54
C39 PTY J . -1.73 -23.19 13.23
C40 PTY J . -0.23 -23.11 13.05
C41 PTY J . 0.49 -24.40 13.43
C42 PTY J . 1.76 -24.64 12.67
C43 PTY J . 2.21 -26.07 12.67
C44 PTY J . 1.81 -26.82 11.42
P1 PTY J . -8.52 -10.06 19.08
O11 PTY J . -9.18 -9.92 20.57
O12 PTY J . -7.18 -9.44 18.91
O13 PTY J . -9.59 -9.54 18.10
O14 PTY J . -8.61 -11.66 18.71
N1 PTY J . -11.61 -8.72 19.71
C1 NAG K . -13.01 -18.62 -0.08
C2 NAG K . -13.78 -18.62 -1.41
C3 NAG K . -13.47 -19.99 -2.05
C4 NAG K . -11.96 -20.14 -2.26
C5 NAG K . -11.23 -20.00 -0.93
C6 NAG K . -9.72 -20.02 -1.07
C7 NAG K . -16.00 -17.82 -2.17
C8 NAG K . -17.47 -17.83 -1.88
N2 NAG K . -15.22 -18.45 -1.26
O3 NAG K . -14.13 -20.14 -3.29
O4 NAG K . -11.70 -21.42 -2.85
O5 NAG K . -11.60 -18.74 -0.30
O6 NAG K . -9.24 -18.85 -1.70
O7 NAG K . -15.53 -17.26 -3.16
C1 NAG L . -4.73 -15.01 32.16
C2 NAG L . -4.25 -13.95 33.14
C3 NAG L . -4.46 -14.56 34.51
C4 NAG L . -5.95 -14.82 34.77
C5 NAG L . -6.58 -15.66 33.66
C6 NAG L . -8.10 -15.56 33.64
C7 NAG L . -1.79 -14.12 32.70
C8 NAG L . -0.54 -13.32 32.51
N2 NAG L . -2.90 -13.41 33.00
O3 NAG L . -3.95 -13.69 35.52
O4 NAG L . -6.10 -15.49 36.02
O5 NAG L . -6.14 -15.19 32.36
O6 NAG L . -8.75 -16.81 33.81
O7 NAG L . -1.80 -15.34 32.57
C1 PTY M . -12.48 2.64 -22.47
C2 PTY M . -6.51 0.86 -25.77
C3 PTY M . -7.94 0.28 -25.61
O4 PTY M . -12.66 3.50 -21.32
C5 PTY M . -11.73 0.39 -23.17
C6 PTY M . -11.91 1.32 -22.01
O7 PTY M . -12.87 0.69 -21.09
C8 PTY M . -12.43 0.16 -19.92
O10 PTY M . -11.26 0.04 -19.64
C11 PTY M . -13.59 -0.24 -19.04
C12 PTY M . -13.20 -0.98 -17.78
C13 PTY M . -14.38 -1.34 -16.89
C14 PTY M . -14.14 -1.04 -15.40
C15 PTY M . -14.85 -1.94 -14.40
C16 PTY M . -14.16 -1.95 -13.03
C17 PTY M . -14.86 -2.76 -11.92
C18 PTY M . -14.39 -4.21 -11.76
C19 PTY M . -13.08 -4.37 -10.98
C20 PTY M . -12.32 -5.64 -11.33
C21 PTY M . -11.52 -5.59 -12.64
C22 PTY M . -11.92 -6.62 -13.69
C23 PTY M . -10.73 -7.13 -14.51
C24 PTY M . -11.09 -7.90 -15.78
C25 PTY M . -10.50 -7.28 -17.05
C26 PTY M . -10.53 -8.18 -18.27
C27 PTY M . -9.54 -7.80 -19.38
C28 PTY M . -8.22 -8.60 -19.40
C29 PTY M . -7.90 -9.33 -20.69
C30 PTY M . -13.74 4.30 -21.30
C31 PTY M . -13.56 5.43 -20.33
O30 PTY M . -14.73 4.10 -21.96
C32 PTY M . -14.64 6.51 -20.41
C33 PTY M . -15.50 6.60 -19.16
C34 PTY M . -16.95 6.22 -19.37
C35 PTY M . -17.69 6.11 -18.06
C36 PTY M . -19.03 5.37 -18.11
C37 PTY M . -20.25 6.24 -17.82
C38 PTY M . -20.23 7.01 -16.51
C39 PTY M . -21.15 8.21 -16.50
C40 PTY M . -20.93 9.17 -15.33
C41 PTY M . -21.47 10.60 -15.55
C42 PTY M . -21.86 11.31 -14.27
C43 PTY M . -23.16 12.10 -14.32
C44 PTY M . -23.97 11.99 -13.05
P1 PTY M . -9.38 -0.79 -23.55
O11 PTY M . -8.00 -0.34 -24.29
O12 PTY M . -9.25 -1.29 -22.16
O13 PTY M . -9.96 -1.78 -24.60
O14 PTY M . -10.40 0.47 -23.73
N1 PTY M . -6.61 2.17 -26.44
C1 NAG N . -12.69 6.71 -34.84
C2 NAG N . -11.46 7.31 -35.52
C3 NAG N . -11.84 7.46 -36.99
C4 NAG N . -12.13 6.09 -37.60
C5 NAG N . -13.15 5.32 -36.76
C6 NAG N . -13.21 3.85 -37.13
C7 NAG N . -11.32 9.60 -34.54
C8 NAG N . -10.42 10.49 -33.72
N2 NAG N . -10.75 8.48 -35.02
O3 NAG N . -10.79 8.11 -37.70
O4 NAG N . -12.59 6.24 -38.94
O5 NAG N . -12.82 5.38 -35.37
O6 NAG N . -14.37 3.19 -36.63
O7 NAG N . -12.49 9.89 -34.75
#